data_6V3T
#
_entry.id   6V3T
#
_cell.length_a   76.140
_cell.length_b   131.660
_cell.length_c   178.361
_cell.angle_alpha   90.000
_cell.angle_beta   90.050
_cell.angle_gamma   90.000
#
_symmetry.space_group_name_H-M   'C 1 2 1'
#
loop_
_entity.id
_entity.type
_entity.pdbx_description
1 polymer 'Dopamine N-acetyltransferase-like Protein'
2 non-polymer 'ACETYL COENZYME *A'
3 water water
#
_entity_poly.entity_id   1
_entity_poly.type   'polypeptide(L)'
_entity_poly.pdbx_seq_one_letter_code
;MEYGPIPSSKFTDVIHHLRHNFPDEPLNASVGLCVHGKPCELLEHHDLQTLEDGLSIMAVESTTGEIAGVALNGIARRGD
VEKALEEMKSIDNIKYQRIFGLLNNVNKSIDLFTKYNVDKIFELRILSVDSRFRGRGIAKELFLRSELIAEEHGFKLVKV
DATSLFTQRAAECLGFITEKCVTYGDFKDENGRKIYDTKSPHDYYKVMTKVVSPKSNDG
;
_entity_poly.pdbx_strand_id   A,B,C,D,E,G
#
# COMPACT_ATOMS: atom_id res chain seq x y z
N MET A 1 -17.42 21.23 -1.54
CA MET A 1 -16.08 20.81 -0.99
C MET A 1 -16.22 19.50 -0.19
N GLU A 2 -15.63 18.40 -0.67
CA GLU A 2 -15.78 17.06 -0.05
C GLU A 2 -14.42 16.56 0.48
N TYR A 3 -14.41 16.15 1.76
CA TYR A 3 -13.21 15.77 2.55
C TYR A 3 -13.24 14.27 2.84
N GLY A 4 -12.34 13.50 2.22
CA GLY A 4 -12.28 12.03 2.38
C GLY A 4 -10.86 11.48 2.25
N PRO A 5 -10.67 10.17 2.54
CA PRO A 5 -9.39 9.49 2.36
C PRO A 5 -8.83 9.58 0.94
N ILE A 6 -7.58 9.14 0.74
CA ILE A 6 -6.89 9.12 -0.57
C ILE A 6 -6.64 7.68 -1.00
N PRO A 7 -7.39 7.13 -1.98
CA PRO A 7 -7.12 5.77 -2.48
C PRO A 7 -5.79 5.72 -3.25
N SER A 8 -5.19 4.54 -3.29
CA SER A 8 -3.92 4.23 -4.00
C SER A 8 -3.94 4.77 -5.44
N SER A 9 -5.11 4.76 -6.07
CA SER A 9 -5.35 5.20 -7.46
C SER A 9 -4.89 6.65 -7.66
N LYS A 10 -5.22 7.55 -6.72
CA LYS A 10 -5.11 9.02 -6.90
C LYS A 10 -3.75 9.55 -6.43
N PHE A 11 -2.68 8.75 -6.43
CA PHE A 11 -1.38 9.15 -5.83
C PHE A 11 -0.62 10.09 -6.78
N THR A 12 -0.63 9.84 -8.09
CA THR A 12 0.05 10.69 -9.10
C THR A 12 -0.83 11.90 -9.45
N ASP A 13 -2.15 11.78 -9.27
CA ASP A 13 -3.08 12.92 -9.12
C ASP A 13 -2.43 13.89 -8.14
N VAL A 14 -2.21 13.41 -6.91
CA VAL A 14 -1.68 14.19 -5.76
C VAL A 14 -0.30 14.76 -6.11
N ILE A 15 0.59 13.94 -6.68
CA ILE A 15 1.97 14.39 -7.01
C ILE A 15 1.86 15.53 -8.02
N HIS A 16 1.07 15.36 -9.07
N HIS A 16 1.06 15.36 -9.06
CA HIS A 16 0.88 16.38 -10.14
CA HIS A 16 0.86 16.36 -10.14
C HIS A 16 0.23 17.63 -9.55
C HIS A 16 0.24 17.63 -9.54
N HIS A 17 -0.56 17.48 -8.49
CA HIS A 17 -1.11 18.61 -7.68
C HIS A 17 0.06 19.31 -6.97
N LEU A 18 0.94 18.54 -6.34
CA LEU A 18 2.04 19.09 -5.50
C LEU A 18 3.02 19.81 -6.40
N ARG A 19 3.39 19.19 -7.53
CA ARG A 19 4.30 19.78 -8.54
C ARG A 19 3.79 21.19 -8.88
N HIS A 20 2.49 21.33 -9.18
CA HIS A 20 1.87 22.57 -9.74
C HIS A 20 1.57 23.62 -8.65
N ASN A 21 1.81 23.33 -7.37
CA ASN A 21 1.31 24.18 -6.24
C ASN A 21 2.35 24.31 -5.11
N PHE A 22 2.87 23.20 -4.63
CA PHE A 22 3.61 23.15 -3.34
C PHE A 22 4.95 23.87 -3.43
N PRO A 23 5.64 24.02 -4.61
CA PRO A 23 6.90 24.80 -4.74
C PRO A 23 7.01 26.22 -4.16
N ASP A 24 5.90 26.96 -4.05
CA ASP A 24 5.88 28.33 -3.46
C ASP A 24 5.75 28.24 -1.93
N GLU A 25 6.11 27.10 -1.34
CA GLU A 25 6.23 26.95 0.12
C GLU A 25 7.36 27.89 0.57
N PRO A 26 7.16 28.65 1.66
CA PRO A 26 8.16 29.61 2.14
C PRO A 26 9.62 29.13 2.20
N LEU A 27 9.91 28.10 2.98
CA LEU A 27 11.29 27.58 3.15
C LEU A 27 11.88 27.23 1.78
N ASN A 28 11.23 26.32 1.06
CA ASN A 28 11.56 25.88 -0.31
C ASN A 28 11.99 27.10 -1.13
N ALA A 29 11.14 28.11 -1.18
CA ALA A 29 11.33 29.36 -1.94
C ALA A 29 12.70 29.96 -1.61
N SER A 30 13.04 30.07 -0.33
CA SER A 30 14.22 30.85 0.15
C SER A 30 15.53 30.15 -0.25
N VAL A 31 15.48 28.87 -0.65
CA VAL A 31 16.65 28.09 -1.16
C VAL A 31 16.40 27.68 -2.61
N GLY A 32 15.13 27.52 -3.02
CA GLY A 32 14.71 27.17 -4.40
C GLY A 32 15.17 25.77 -4.77
N LEU A 33 14.45 24.74 -4.31
CA LEU A 33 14.73 23.31 -4.63
C LEU A 33 13.82 22.85 -5.77
N CYS A 34 12.51 23.11 -5.68
CA CYS A 34 11.47 22.60 -6.61
C CYS A 34 10.75 23.78 -7.28
N VAL A 35 10.09 23.52 -8.43
CA VAL A 35 9.54 24.57 -9.33
C VAL A 35 8.33 24.01 -10.10
N HIS A 36 7.31 24.86 -10.31
CA HIS A 36 5.97 24.54 -10.89
C HIS A 36 6.10 23.55 -12.04
N GLY A 37 5.29 22.47 -12.03
CA GLY A 37 5.07 21.56 -13.16
C GLY A 37 6.16 20.51 -13.30
N LYS A 38 7.43 20.93 -13.17
N LYS A 38 7.43 20.93 -13.17
CA LYS A 38 8.63 20.05 -13.18
CA LYS A 38 8.63 20.06 -13.17
C LYS A 38 8.64 19.18 -11.93
C LYS A 38 8.61 19.17 -11.93
N PRO A 39 8.91 17.87 -12.06
CA PRO A 39 9.02 16.99 -10.88
C PRO A 39 10.23 17.35 -10.00
N CYS A 40 10.06 17.19 -8.69
CA CYS A 40 11.09 17.28 -7.64
C CYS A 40 11.26 15.90 -6.97
N GLU A 41 11.73 14.92 -7.74
CA GLU A 41 11.64 13.46 -7.41
C GLU A 41 12.19 13.15 -6.01
N LEU A 42 13.20 13.91 -5.56
CA LEU A 42 13.81 13.80 -4.20
C LEU A 42 12.72 13.75 -3.13
N LEU A 43 11.92 14.81 -3.04
CA LEU A 43 10.86 14.89 -2.01
C LEU A 43 9.76 13.89 -2.36
N GLU A 44 9.36 13.86 -3.63
CA GLU A 44 8.19 13.07 -4.11
C GLU A 44 8.29 11.65 -3.56
N HIS A 45 9.49 11.13 -3.33
CA HIS A 45 9.74 9.79 -2.73
C HIS A 45 9.28 9.76 -1.27
N HIS A 46 9.70 10.73 -0.44
CA HIS A 46 9.26 10.86 0.97
C HIS A 46 7.73 10.83 0.99
N ASP A 47 7.12 11.69 0.18
CA ASP A 47 5.67 11.96 0.17
C ASP A 47 4.94 10.65 -0.16
N LEU A 48 5.50 9.85 -1.07
CA LEU A 48 4.95 8.54 -1.52
C LEU A 48 4.86 7.58 -0.32
N GLN A 49 5.86 7.62 0.57
CA GLN A 49 5.94 6.76 1.79
C GLN A 49 4.96 7.26 2.86
N THR A 50 4.92 8.58 3.09
CA THR A 50 3.97 9.25 4.01
C THR A 50 2.55 8.86 3.60
N LEU A 51 2.28 8.87 2.29
CA LEU A 51 0.95 8.52 1.72
C LEU A 51 0.63 7.06 2.03
N GLU A 52 1.65 6.19 2.11
CA GLU A 52 1.45 4.73 2.29
C GLU A 52 1.23 4.39 3.77
N ASP A 53 1.42 5.34 4.68
CA ASP A 53 0.96 5.23 6.09
C ASP A 53 -0.58 5.24 6.10
N GLY A 54 -1.17 5.88 5.09
CA GLY A 54 -2.62 5.91 4.80
C GLY A 54 -3.40 6.65 5.86
N LEU A 55 -2.95 7.84 6.27
CA LEU A 55 -3.66 8.70 7.26
C LEU A 55 -4.01 10.03 6.61
N SER A 56 -3.68 10.17 5.33
CA SER A 56 -3.59 11.46 4.59
C SER A 56 -4.96 11.82 3.99
N ILE A 57 -5.43 13.06 4.20
CA ILE A 57 -6.78 13.54 3.79
C ILE A 57 -6.63 14.34 2.48
N MET A 58 -7.67 14.32 1.63
CA MET A 58 -7.77 15.20 0.43
C MET A 58 -9.13 15.90 0.39
N ALA A 59 -9.14 17.11 -0.19
CA ALA A 59 -10.32 17.91 -0.57
C ALA A 59 -10.49 17.85 -2.09
N VAL A 60 -11.62 17.32 -2.58
CA VAL A 60 -11.96 17.30 -4.03
C VAL A 60 -13.05 18.35 -4.25
N GLU A 61 -13.02 19.02 -5.41
CA GLU A 61 -14.05 20.00 -5.82
C GLU A 61 -15.33 19.25 -6.12
N SER A 62 -16.38 19.45 -5.30
CA SER A 62 -17.69 18.78 -5.43
C SER A 62 -17.95 18.54 -6.91
N THR A 63 -18.09 19.62 -7.69
CA THR A 63 -18.71 19.61 -9.03
C THR A 63 -17.72 19.27 -10.15
N THR A 64 -16.42 19.45 -9.99
CA THR A 64 -15.48 19.26 -11.13
C THR A 64 -14.69 17.96 -10.96
N GLY A 65 -14.48 17.53 -9.72
CA GLY A 65 -13.72 16.31 -9.37
C GLY A 65 -12.23 16.59 -9.27
N GLU A 66 -11.81 17.84 -9.44
CA GLU A 66 -10.38 18.25 -9.44
C GLU A 66 -9.86 18.25 -8.00
N ILE A 67 -8.57 17.95 -7.82
CA ILE A 67 -7.90 17.83 -6.49
C ILE A 67 -7.65 19.24 -5.97
N ALA A 68 -8.37 19.66 -4.92
CA ALA A 68 -8.42 21.04 -4.39
C ALA A 68 -7.28 21.26 -3.38
N GLY A 69 -7.06 20.30 -2.49
CA GLY A 69 -5.97 20.35 -1.50
C GLY A 69 -5.81 19.02 -0.79
N VAL A 70 -4.69 18.85 -0.07
CA VAL A 70 -4.34 17.59 0.64
C VAL A 70 -3.59 17.91 1.94
N ALA A 71 -3.79 17.11 2.97
CA ALA A 71 -2.94 17.04 4.19
C ALA A 71 -2.29 15.67 4.27
N LEU A 72 -0.99 15.61 4.03
CA LEU A 72 -0.18 14.37 4.12
C LEU A 72 0.26 14.18 5.57
N ASN A 73 -0.19 13.08 6.17
CA ASN A 73 0.03 12.74 7.60
C ASN A 73 0.85 11.45 7.63
N GLY A 74 1.88 11.42 8.46
CA GLY A 74 2.74 10.24 8.67
C GLY A 74 3.01 9.98 10.14
N ILE A 75 3.36 8.74 10.47
CA ILE A 75 3.71 8.30 11.85
C ILE A 75 5.21 8.51 12.02
N ALA A 76 5.60 9.44 12.90
CA ALA A 76 7.00 9.63 13.32
C ALA A 76 7.29 8.71 14.51
N ARG A 77 8.48 8.12 14.53
CA ARG A 77 8.94 7.18 15.59
C ARG A 77 10.32 7.62 16.10
N ARG A 78 10.66 7.20 17.33
CA ARG A 78 11.99 7.46 17.94
C ARG A 78 13.06 6.97 16.99
N GLY A 79 14.13 7.76 16.82
CA GLY A 79 15.27 7.44 15.94
C GLY A 79 15.03 7.75 14.46
N ASP A 80 13.79 8.03 14.05
CA ASP A 80 13.46 8.40 12.66
C ASP A 80 14.36 9.59 12.24
N VAL A 81 14.43 10.64 13.07
CA VAL A 81 15.21 11.88 12.80
C VAL A 81 16.68 11.51 12.57
N GLU A 82 17.25 10.77 13.52
CA GLU A 82 18.69 10.40 13.54
C GLU A 82 19.05 9.63 12.27
N LYS A 83 18.18 8.73 11.82
CA LYS A 83 18.31 7.94 10.57
C LYS A 83 18.36 8.90 9.37
N ALA A 84 17.46 9.89 9.38
CA ALA A 84 17.28 10.89 8.31
C ALA A 84 18.52 11.77 8.21
N LEU A 85 19.14 12.09 9.34
CA LEU A 85 20.38 12.91 9.40
C LEU A 85 21.59 12.11 8.89
N GLU A 86 21.67 10.83 9.24
CA GLU A 86 22.73 9.89 8.77
C GLU A 86 22.57 9.69 7.26
N GLU A 87 21.34 9.45 6.79
N GLU A 87 21.34 9.45 6.80
CA GLU A 87 21.03 9.24 5.35
CA GLU A 87 21.03 9.22 5.36
C GLU A 87 21.32 10.52 4.58
C GLU A 87 21.31 10.50 4.58
N MET A 88 21.02 11.66 5.19
CA MET A 88 21.22 13.00 4.58
C MET A 88 22.69 13.25 4.24
N LYS A 89 23.62 12.65 4.99
CA LYS A 89 25.08 12.82 4.77
C LYS A 89 25.47 12.27 3.40
N SER A 90 25.01 11.06 3.06
CA SER A 90 25.32 10.37 1.78
C SER A 90 24.74 11.15 0.59
N ILE A 91 23.54 11.71 0.74
CA ILE A 91 22.89 12.61 -0.26
C ILE A 91 23.75 13.87 -0.38
N ASP A 92 24.01 14.38 -1.58
CA ASP A 92 25.01 15.47 -1.77
C ASP A 92 24.36 16.56 -2.62
N ASN A 93 23.18 17.04 -2.18
CA ASN A 93 22.47 18.19 -2.77
C ASN A 93 22.36 19.27 -1.70
N ILE A 94 23.09 20.38 -1.90
CA ILE A 94 23.40 21.38 -0.85
C ILE A 94 22.09 22.02 -0.40
N LYS A 95 21.22 22.40 -1.35
CA LYS A 95 19.89 22.99 -1.10
C LYS A 95 19.10 22.12 -0.13
N TYR A 96 19.07 20.81 -0.42
CA TYR A 96 18.29 19.79 0.32
C TYR A 96 18.77 19.75 1.77
N GLN A 97 20.08 19.81 1.98
CA GLN A 97 20.72 19.80 3.33
C GLN A 97 20.30 21.05 4.09
N ARG A 98 20.11 22.17 3.41
CA ARG A 98 19.77 23.46 4.06
C ARG A 98 18.33 23.37 4.56
N ILE A 99 17.42 22.91 3.72
CA ILE A 99 16.00 22.70 4.12
C ILE A 99 15.96 21.67 5.26
N PHE A 100 16.30 20.42 4.98
CA PHE A 100 15.96 19.29 5.87
C PHE A 100 16.94 19.20 7.04
N GLY A 101 18.12 19.79 6.91
CA GLY A 101 19.07 19.94 8.03
C GLY A 101 18.44 20.73 9.14
N LEU A 102 17.86 21.89 8.78
CA LEU A 102 17.11 22.79 9.69
C LEU A 102 15.96 22.01 10.33
N LEU A 103 15.10 21.40 9.51
CA LEU A 103 13.91 20.66 10.00
C LEU A 103 14.35 19.59 11.00
N ASN A 104 15.26 18.69 10.60
CA ASN A 104 15.60 17.50 11.40
C ASN A 104 16.41 17.95 12.64
N ASN A 105 17.36 18.88 12.50
CA ASN A 105 18.11 19.43 13.66
C ASN A 105 17.12 19.99 14.68
N VAL A 106 16.27 20.93 14.26
CA VAL A 106 15.28 21.61 15.15
C VAL A 106 14.46 20.53 15.87
N ASN A 107 13.89 19.60 15.10
CA ASN A 107 13.05 18.51 15.64
C ASN A 107 13.88 17.73 16.67
N LYS A 108 15.04 17.24 16.24
CA LYS A 108 15.97 16.45 17.10
C LYS A 108 16.26 17.24 18.39
N SER A 109 16.49 18.54 18.28
CA SER A 109 16.92 19.43 19.40
C SER A 109 15.81 19.60 20.44
N ILE A 110 14.58 19.13 20.19
CA ILE A 110 13.51 19.01 21.23
C ILE A 110 12.95 17.60 21.16
N ASP A 111 13.41 16.71 22.04
CA ASP A 111 12.92 15.31 22.12
C ASP A 111 11.45 15.40 22.55
N LEU A 112 10.54 15.45 21.58
CA LEU A 112 9.08 15.52 21.87
C LEU A 112 8.64 14.16 22.41
N PHE A 113 9.20 13.08 21.85
CA PHE A 113 8.97 11.68 22.30
C PHE A 113 9.21 11.57 23.80
N THR A 114 10.28 12.21 24.30
CA THR A 114 10.63 12.22 25.74
C THR A 114 9.73 13.23 26.45
N LYS A 115 9.56 14.43 25.87
CA LYS A 115 8.79 15.53 26.50
C LYS A 115 7.40 15.03 26.91
N TYR A 116 6.71 14.30 26.03
CA TYR A 116 5.31 13.88 26.21
C TYR A 116 5.21 12.36 26.47
N ASN A 117 6.38 11.70 26.56
CA ASN A 117 6.47 10.25 26.86
C ASN A 117 5.58 9.46 25.88
N VAL A 118 5.97 9.37 24.62
CA VAL A 118 5.22 8.66 23.54
C VAL A 118 6.23 7.99 22.61
N ASP A 119 5.79 6.99 21.84
CA ASP A 119 6.66 6.16 20.98
C ASP A 119 6.36 6.46 19.50
N LYS A 120 5.17 7.01 19.21
CA LYS A 120 4.76 7.47 17.85
C LYS A 120 4.18 8.89 17.97
N ILE A 121 4.33 9.69 16.92
CA ILE A 121 3.76 11.07 16.81
C ILE A 121 3.09 11.23 15.44
N PHE A 122 1.84 11.71 15.45
CA PHE A 122 1.10 12.12 14.24
C PHE A 122 1.69 13.43 13.73
N GLU A 123 2.13 13.42 12.47
CA GLU A 123 2.82 14.56 11.84
C GLU A 123 2.02 15.02 10.64
N LEU A 124 1.34 16.16 10.73
CA LEU A 124 0.87 16.89 9.52
C LEU A 124 2.14 17.43 8.86
N ARG A 125 2.61 16.74 7.83
CA ARG A 125 3.95 16.98 7.25
C ARG A 125 3.83 17.95 6.08
N ILE A 126 2.83 17.75 5.23
CA ILE A 126 2.66 18.57 3.99
C ILE A 126 1.21 19.03 3.86
N LEU A 127 1.02 20.34 3.75
CA LEU A 127 -0.31 20.98 3.64
C LEU A 127 -0.36 21.79 2.34
N SER A 128 -1.08 21.29 1.33
CA SER A 128 -1.23 21.95 0.00
C SER A 128 -2.69 22.26 -0.30
N VAL A 129 -2.95 23.53 -0.65
CA VAL A 129 -4.24 24.01 -1.23
C VAL A 129 -3.89 24.64 -2.57
N ASP A 130 -4.53 24.22 -3.65
CA ASP A 130 -4.28 24.70 -5.04
C ASP A 130 -4.32 26.23 -5.07
N SER A 131 -3.46 26.85 -5.91
CA SER A 131 -3.42 28.32 -6.18
C SER A 131 -4.85 28.85 -6.38
N ARG A 132 -5.65 28.16 -7.22
CA ARG A 132 -7.01 28.60 -7.62
C ARG A 132 -7.90 28.67 -6.37
N PHE A 133 -7.91 27.62 -5.53
CA PHE A 133 -8.90 27.38 -4.44
C PHE A 133 -8.40 27.95 -3.10
N ARG A 134 -7.24 28.60 -3.12
CA ARG A 134 -6.53 29.07 -1.90
C ARG A 134 -7.26 30.27 -1.31
N GLY A 135 -7.44 30.30 0.01
CA GLY A 135 -8.01 31.43 0.76
C GLY A 135 -9.49 31.25 1.08
N ARG A 136 -10.02 30.03 0.98
CA ARG A 136 -11.44 29.76 1.29
C ARG A 136 -11.53 28.86 2.52
N GLY A 137 -10.57 28.97 3.44
CA GLY A 137 -10.54 28.23 4.72
C GLY A 137 -10.45 26.72 4.51
N ILE A 138 -9.81 26.27 3.44
CA ILE A 138 -9.73 24.82 3.11
C ILE A 138 -8.66 24.17 3.99
N ALA A 139 -7.49 24.79 4.10
CA ALA A 139 -6.38 24.31 4.95
C ALA A 139 -6.92 24.07 6.35
N LYS A 140 -7.51 25.11 6.94
CA LYS A 140 -8.11 25.07 8.29
C LYS A 140 -8.96 23.80 8.43
N GLU A 141 -9.66 23.39 7.36
CA GLU A 141 -10.56 22.21 7.42
C GLU A 141 -9.70 20.94 7.37
N LEU A 142 -8.75 20.89 6.45
CA LEU A 142 -7.81 19.75 6.29
C LEU A 142 -7.13 19.48 7.63
N PHE A 143 -6.62 20.54 8.26
CA PHE A 143 -5.96 20.51 9.58
C PHE A 143 -6.89 19.89 10.63
N LEU A 144 -8.06 20.49 10.86
CA LEU A 144 -9.08 19.98 11.83
C LEU A 144 -9.33 18.50 11.56
N ARG A 145 -9.52 18.13 10.29
CA ARG A 145 -9.86 16.75 9.86
C ARG A 145 -8.68 15.82 10.18
N SER A 146 -7.46 16.32 9.98
CA SER A 146 -6.20 15.60 10.27
C SER A 146 -6.13 15.30 11.76
N GLU A 147 -6.49 16.27 12.59
CA GLU A 147 -6.48 16.14 14.08
C GLU A 147 -7.37 14.96 14.47
N LEU A 148 -8.52 14.83 13.80
CA LEU A 148 -9.57 13.84 14.18
C LEU A 148 -9.18 12.46 13.67
N ILE A 149 -8.46 12.38 12.54
CA ILE A 149 -7.86 11.12 12.04
C ILE A 149 -6.90 10.60 13.12
N ALA A 150 -6.15 11.50 13.75
CA ALA A 150 -5.16 11.13 14.80
C ALA A 150 -5.90 10.47 15.97
N GLU A 151 -6.97 11.09 16.46
CA GLU A 151 -7.73 10.61 17.65
C GLU A 151 -8.39 9.24 17.34
N GLU A 152 -8.86 9.05 16.10
CA GLU A 152 -9.48 7.77 15.65
C GLU A 152 -8.43 6.65 15.65
N HIS A 153 -7.19 6.95 15.29
CA HIS A 153 -6.08 5.96 15.24
C HIS A 153 -5.30 5.95 16.56
N GLY A 154 -5.88 6.55 17.61
CA GLY A 154 -5.42 6.41 18.99
C GLY A 154 -4.04 6.99 19.21
N PHE A 155 -3.69 8.04 18.46
CA PHE A 155 -2.48 8.89 18.70
C PHE A 155 -2.75 9.81 19.90
N LYS A 156 -1.67 10.29 20.54
CA LYS A 156 -1.74 11.13 21.77
C LYS A 156 -1.22 12.54 21.49
N LEU A 157 -0.29 12.71 20.55
CA LEU A 157 0.33 14.02 20.18
C LEU A 157 0.32 14.22 18.67
N VAL A 158 -0.15 15.38 18.22
CA VAL A 158 -0.07 15.83 16.80
C VAL A 158 0.95 16.95 16.74
N LYS A 159 1.80 16.92 15.72
CA LYS A 159 2.91 17.88 15.54
C LYS A 159 2.91 18.33 14.07
N VAL A 160 3.36 19.56 13.82
CA VAL A 160 3.40 20.18 12.47
C VAL A 160 4.63 21.09 12.36
N ASP A 161 5.40 20.91 11.28
CA ASP A 161 6.54 21.80 10.96
C ASP A 161 5.95 23.01 10.25
N ALA A 162 5.53 24.02 11.01
CA ALA A 162 4.74 25.16 10.52
C ALA A 162 5.68 26.22 9.95
N THR A 163 6.07 26.05 8.70
CA THR A 163 7.03 26.96 8.02
C THR A 163 6.28 28.18 7.49
N SER A 164 5.05 27.97 7.02
CA SER A 164 4.12 29.04 6.58
C SER A 164 3.44 29.60 7.82
N LEU A 165 3.32 30.92 7.92
CA LEU A 165 2.64 31.57 9.06
C LEU A 165 1.11 31.42 8.91
N PHE A 166 0.62 31.22 7.70
CA PHE A 166 -0.80 30.83 7.48
C PHE A 166 -1.04 29.50 8.19
N THR A 167 -0.09 28.58 8.06
CA THR A 167 -0.13 27.26 8.72
C THR A 167 -0.02 27.44 10.23
N GLN A 168 0.71 28.46 10.67
CA GLN A 168 0.83 28.76 12.11
C GLN A 168 -0.56 29.21 12.59
N ARG A 169 -1.22 30.07 11.83
CA ARG A 169 -2.55 30.61 12.16
C ARG A 169 -3.53 29.47 12.32
N ALA A 170 -3.61 28.58 11.35
CA ALA A 170 -4.52 27.43 11.40
C ALA A 170 -4.27 26.70 12.71
N ALA A 171 -3.02 26.37 12.98
CA ALA A 171 -2.57 25.68 14.20
C ALA A 171 -3.04 26.48 15.42
N GLU A 172 -2.78 27.79 15.44
CA GLU A 172 -3.22 28.70 16.53
C GLU A 172 -4.73 28.44 16.75
N CYS A 173 -5.49 28.39 15.67
CA CYS A 173 -6.98 28.38 15.72
C CYS A 173 -7.49 27.06 16.30
N LEU A 174 -6.78 25.95 16.12
CA LEU A 174 -7.17 24.63 16.71
C LEU A 174 -6.51 24.45 18.09
N GLY A 175 -5.75 25.43 18.58
CA GLY A 175 -5.23 25.49 19.96
C GLY A 175 -3.86 24.84 20.11
N PHE A 176 -3.11 24.69 19.03
CA PHE A 176 -1.73 24.16 19.06
C PHE A 176 -0.81 25.13 19.82
N ILE A 177 0.13 24.55 20.56
CA ILE A 177 1.20 25.24 21.34
C ILE A 177 2.46 25.29 20.48
N THR A 178 3.23 26.37 20.55
CA THR A 178 4.58 26.49 19.93
C THR A 178 5.60 25.82 20.84
N GLU A 179 6.25 24.77 20.34
CA GLU A 179 7.30 23.99 21.03
C GLU A 179 8.64 24.72 20.89
N LYS A 180 9.07 24.97 19.66
CA LYS A 180 10.27 25.78 19.36
C LYS A 180 9.93 26.84 18.31
N CYS A 181 10.43 28.05 18.49
CA CYS A 181 10.32 29.14 17.51
C CYS A 181 11.74 29.55 17.09
N VAL A 182 11.98 29.58 15.78
CA VAL A 182 13.31 29.84 15.18
C VAL A 182 13.15 30.79 13.98
N THR A 183 13.94 31.87 14.00
CA THR A 183 13.98 32.94 12.96
C THR A 183 14.88 32.48 11.81
N TYR A 184 14.35 32.49 10.57
CA TYR A 184 15.08 32.09 9.33
C TYR A 184 16.33 32.95 9.13
N GLY A 185 16.27 34.22 9.54
CA GLY A 185 17.37 35.19 9.41
C GLY A 185 18.63 34.74 10.12
N ASP A 186 18.48 34.07 11.26
CA ASP A 186 19.60 33.70 12.20
C ASP A 186 20.71 32.92 11.49
N PHE A 187 20.45 32.31 10.33
CA PHE A 187 21.36 31.36 9.65
C PHE A 187 22.06 32.04 8.47
N LYS A 188 23.37 32.18 8.61
CA LYS A 188 24.28 32.84 7.64
C LYS A 188 25.42 31.87 7.30
N ASP A 189 25.90 31.89 6.06
CA ASP A 189 26.95 30.96 5.55
C ASP A 189 28.33 31.49 5.94
N GLU A 190 29.39 30.89 5.40
CA GLU A 190 30.82 31.22 5.64
C GLU A 190 31.08 32.73 5.47
N ASN A 191 30.41 33.41 4.52
CA ASN A 191 30.57 34.87 4.25
C ASN A 191 29.86 35.69 5.33
N GLY A 192 28.69 35.24 5.78
CA GLY A 192 27.73 36.05 6.56
C GLY A 192 26.46 36.34 5.77
N ARG A 193 26.33 35.72 4.60
CA ARG A 193 25.12 35.83 3.75
C ARG A 193 23.99 34.95 4.31
N LYS A 194 22.82 35.53 4.54
CA LYS A 194 21.57 34.86 4.96
C LYS A 194 21.32 33.64 4.05
N ILE A 195 21.06 32.47 4.66
CA ILE A 195 20.91 31.15 3.95
C ILE A 195 19.44 30.94 3.58
N TYR A 196 18.55 31.31 4.50
CA TYR A 196 17.08 31.36 4.30
C TYR A 196 16.68 32.81 4.15
N ASP A 197 16.89 33.34 2.94
CA ASP A 197 16.35 34.66 2.52
C ASP A 197 14.86 34.45 2.24
N THR A 198 14.04 34.45 3.30
CA THR A 198 12.57 34.26 3.25
C THR A 198 11.91 35.63 3.00
N LYS A 199 10.92 35.69 2.11
CA LYS A 199 10.12 36.92 1.87
C LYS A 199 9.01 36.97 2.93
N SER A 200 8.83 38.13 3.56
CA SER A 200 7.77 38.38 4.58
C SER A 200 6.43 37.97 3.99
N PRO A 201 5.44 37.55 4.82
CA PRO A 201 5.49 37.67 6.28
C PRO A 201 6.04 36.46 7.06
N HIS A 202 6.74 35.55 6.37
CA HIS A 202 7.23 34.26 6.93
C HIS A 202 8.63 34.44 7.52
N ASP A 203 8.72 35.15 8.64
CA ASP A 203 10.01 35.60 9.24
C ASP A 203 10.56 34.53 10.19
N TYR A 204 9.79 33.46 10.46
CA TYR A 204 10.19 32.38 11.41
C TYR A 204 9.38 31.11 11.22
N TYR A 205 9.98 29.98 11.65
CA TYR A 205 9.46 28.59 11.58
C TYR A 205 9.15 28.13 13.00
N LYS A 206 7.93 27.65 13.20
CA LYS A 206 7.46 27.10 14.49
C LYS A 206 7.21 25.62 14.31
N VAL A 207 7.75 24.81 15.23
CA VAL A 207 7.23 23.45 15.52
C VAL A 207 6.06 23.65 16.51
N MET A 208 4.90 23.09 16.17
CA MET A 208 3.64 23.30 16.91
C MET A 208 2.99 21.94 17.15
N THR A 209 2.19 21.86 18.20
CA THR A 209 1.84 20.60 18.89
C THR A 209 0.49 20.75 19.56
N LYS A 210 -0.32 19.69 19.54
CA LYS A 210 -1.51 19.55 20.40
C LYS A 210 -1.58 18.13 20.91
N VAL A 211 -2.07 17.97 22.15
CA VAL A 211 -2.29 16.67 22.83
C VAL A 211 -3.76 16.30 22.64
N VAL A 212 -4.06 15.03 22.33
CA VAL A 212 -5.40 14.60 21.82
C VAL A 212 -5.91 13.39 22.61
N SER A 213 -6.88 12.61 22.08
CA SER A 213 -7.68 11.58 22.82
C SER A 213 -7.56 10.18 22.18
N MET B 1 45.49 -19.33 23.31
CA MET B 1 44.15 -18.67 23.21
C MET B 1 44.22 -17.43 22.31
N GLU B 2 43.56 -17.44 21.15
CA GLU B 2 43.69 -16.37 20.11
C GLU B 2 42.34 -15.65 19.89
N TYR B 3 42.36 -14.32 19.96
CA TYR B 3 41.20 -13.38 19.98
C TYR B 3 41.20 -12.57 18.69
N GLY B 4 40.23 -12.82 17.79
CA GLY B 4 40.15 -12.13 16.49
C GLY B 4 38.71 -11.93 16.03
N PRO B 5 38.49 -11.17 14.94
CA PRO B 5 37.16 -11.04 14.32
C PRO B 5 36.54 -12.39 13.93
N ILE B 6 35.26 -12.36 13.52
CA ILE B 6 34.49 -13.57 13.11
C ILE B 6 34.13 -13.47 11.62
N PRO B 7 34.83 -14.20 10.71
CA PRO B 7 34.51 -14.16 9.29
C PRO B 7 33.13 -14.78 9.01
N SER B 8 32.48 -14.33 7.93
CA SER B 8 31.15 -14.78 7.46
C SER B 8 31.10 -16.32 7.48
N SER B 9 32.21 -16.96 7.09
CA SER B 9 32.40 -18.43 6.99
C SER B 9 31.98 -19.12 8.30
N LYS B 10 32.38 -18.58 9.46
CA LYS B 10 32.32 -19.30 10.75
C LYS B 10 31.05 -18.95 11.54
N PHE B 11 29.93 -18.67 10.87
CA PHE B 11 28.69 -18.21 11.54
C PHE B 11 27.91 -19.41 12.09
N THR B 12 27.86 -20.54 11.38
CA THR B 12 27.18 -21.78 11.84
C THR B 12 28.10 -22.54 12.79
N ASP B 13 29.42 -22.39 12.62
CA ASP B 13 30.44 -22.69 13.67
C ASP B 13 29.94 -22.10 14.99
N VAL B 14 29.60 -20.81 14.97
CA VAL B 14 29.18 -20.03 16.17
C VAL B 14 27.82 -20.55 16.65
N ILE B 15 26.85 -20.74 15.74
CA ILE B 15 25.48 -21.15 16.14
C ILE B 15 25.54 -22.54 16.79
N HIS B 16 26.32 -23.47 16.21
CA HIS B 16 26.48 -24.84 16.77
C HIS B 16 27.22 -24.76 18.11
N HIS B 17 28.13 -23.79 18.24
CA HIS B 17 28.77 -23.43 19.54
C HIS B 17 27.67 -23.01 20.52
N LEU B 18 26.82 -22.06 20.11
CA LEU B 18 25.78 -21.47 21.00
C LEU B 18 24.79 -22.57 21.38
N ARG B 19 24.36 -23.36 20.41
CA ARG B 19 23.38 -24.47 20.62
C ARG B 19 23.89 -25.36 21.77
N HIS B 20 25.17 -25.75 21.77
CA HIS B 20 25.76 -26.75 22.71
C HIS B 20 26.19 -26.10 24.05
N ASN B 21 25.89 -24.82 24.30
CA ASN B 21 26.51 -24.07 25.44
C ASN B 21 25.53 -23.08 26.07
N PHE B 22 25.06 -22.08 25.32
CA PHE B 22 24.38 -20.87 25.86
C PHE B 22 23.04 -21.19 26.51
N PRO B 23 22.36 -22.32 26.20
CA PRO B 23 21.11 -22.69 26.88
C PRO B 23 21.10 -22.69 28.42
N ASP B 24 22.26 -22.79 29.07
CA ASP B 24 22.35 -22.75 30.56
C ASP B 24 22.60 -21.31 31.02
N GLU B 25 22.29 -20.32 30.19
CA GLU B 25 22.12 -18.89 30.61
C GLU B 25 21.05 -18.85 31.71
N PRO B 26 21.31 -18.11 32.82
CA PRO B 26 20.40 -18.06 33.97
C PRO B 26 18.92 -17.71 33.74
N LEU B 27 18.62 -16.70 32.91
CA LEU B 27 17.24 -16.27 32.62
C LEU B 27 16.56 -17.35 31.75
N ASN B 28 17.21 -17.69 30.62
CA ASN B 28 16.80 -18.77 29.70
C ASN B 28 16.36 -20.00 30.50
N ALA B 29 17.18 -20.41 31.47
CA ALA B 29 16.98 -21.59 32.35
C ALA B 29 15.67 -21.45 33.14
N SER B 30 15.45 -20.29 33.76
CA SER B 30 14.34 -20.04 34.72
C SER B 30 12.97 -20.09 34.04
N VAL B 31 12.94 -20.00 32.69
CA VAL B 31 11.70 -20.15 31.86
C VAL B 31 11.85 -21.36 30.93
N GLY B 32 13.08 -21.70 30.53
CA GLY B 32 13.42 -22.88 29.70
C GLY B 32 12.91 -22.73 28.28
N LEU B 33 13.63 -22.00 27.43
CA LEU B 33 13.27 -21.74 26.01
C LEU B 33 14.08 -22.65 25.09
N CYS B 34 15.41 -22.66 25.24
CA CYS B 34 16.38 -23.41 24.39
C CYS B 34 17.06 -24.48 25.21
N VAL B 35 17.58 -25.52 24.55
CA VAL B 35 18.15 -26.74 25.19
C VAL B 35 19.31 -27.27 24.32
N HIS B 36 20.31 -27.91 24.95
CA HIS B 36 21.61 -28.32 24.34
C HIS B 36 21.38 -28.97 22.97
N GLY B 37 22.30 -28.70 22.03
CA GLY B 37 22.44 -29.45 20.76
C GLY B 37 21.38 -29.12 19.73
N LYS B 38 20.11 -29.09 20.15
CA LYS B 38 18.95 -28.83 19.24
C LYS B 38 18.79 -27.34 19.04
N PRO B 39 18.36 -26.92 17.82
CA PRO B 39 18.25 -25.50 17.50
C PRO B 39 17.21 -24.79 18.38
N CYS B 40 17.35 -23.47 18.44
CA CYS B 40 16.40 -22.52 19.06
C CYS B 40 16.27 -21.35 18.09
N GLU B 41 15.64 -21.60 16.94
CA GLU B 41 15.75 -20.80 15.68
C GLU B 41 15.21 -19.37 15.88
N LEU B 42 14.67 -19.07 17.07
CA LEU B 42 13.99 -17.79 17.41
C LEU B 42 15.06 -16.72 17.66
N LEU B 43 15.90 -16.96 18.67
CA LEU B 43 17.11 -16.15 18.98
C LEU B 43 18.10 -16.20 17.83
N GLU B 44 18.37 -17.40 17.30
CA GLU B 44 19.44 -17.66 16.31
C GLU B 44 19.34 -16.63 15.17
N HIS B 45 18.14 -16.13 14.88
CA HIS B 45 17.89 -15.08 13.86
C HIS B 45 18.45 -13.73 14.36
N HIS B 46 18.00 -13.27 15.53
CA HIS B 46 18.55 -12.07 16.23
C HIS B 46 20.06 -12.10 16.16
N ASP B 47 20.64 -13.23 16.58
CA ASP B 47 22.09 -13.44 16.76
C ASP B 47 22.76 -13.28 15.39
N LEU B 48 22.13 -13.85 14.36
CA LEU B 48 22.61 -13.77 12.95
C LEU B 48 22.74 -12.31 12.54
N GLN B 49 21.74 -11.47 12.87
CA GLN B 49 21.71 -10.02 12.51
C GLN B 49 22.75 -9.24 13.30
N THR B 50 22.87 -9.52 14.61
CA THR B 50 23.91 -8.95 15.51
C THR B 50 25.28 -9.23 14.90
N LEU B 51 25.48 -10.44 14.39
CA LEU B 51 26.77 -10.86 13.80
C LEU B 51 27.05 -10.01 12.56
N GLU B 52 26.01 -9.68 11.78
CA GLU B 52 26.14 -8.97 10.48
C GLU B 52 26.48 -7.50 10.72
N ASP B 53 26.32 -7.00 11.96
CA ASP B 53 26.86 -5.67 12.38
C ASP B 53 28.39 -5.72 12.31
N GLY B 54 28.96 -6.92 12.49
CA GLY B 54 30.38 -7.24 12.29
C GLY B 54 31.26 -6.59 13.33
N LEU B 55 30.83 -6.56 14.59
CA LEU B 55 31.63 -5.99 15.71
C LEU B 55 32.01 -7.11 16.68
N SER B 56 31.49 -8.31 16.45
CA SER B 56 31.53 -9.47 17.38
C SER B 56 32.94 -10.07 17.39
N ILE B 57 33.32 -10.74 18.48
CA ILE B 57 34.70 -11.26 18.72
C ILE B 57 34.59 -12.75 19.06
N MET B 58 35.59 -13.54 18.68
CA MET B 58 35.65 -14.98 19.06
C MET B 58 37.05 -15.32 19.60
N ALA B 59 37.08 -16.26 20.54
CA ALA B 59 38.30 -16.92 21.06
C ALA B 59 38.38 -18.33 20.49
N VAL B 60 39.33 -18.58 19.59
CA VAL B 60 39.60 -19.93 19.03
C VAL B 60 40.72 -20.55 19.86
N GLU B 61 40.69 -21.88 20.06
CA GLU B 61 41.76 -22.58 20.80
C GLU B 61 43.00 -22.70 19.93
N SER B 62 44.11 -22.09 20.37
CA SER B 62 45.39 -21.99 19.63
C SER B 62 45.59 -23.28 18.83
N THR B 63 45.71 -24.40 19.53
CA THR B 63 46.20 -25.71 19.00
C THR B 63 45.11 -26.42 18.20
N THR B 64 43.91 -26.55 18.76
CA THR B 64 42.85 -27.47 18.26
C THR B 64 41.99 -26.76 17.21
N GLY B 65 42.04 -25.43 17.13
CA GLY B 65 41.25 -24.62 16.17
C GLY B 65 39.76 -24.58 16.51
N GLU B 66 39.36 -25.06 17.68
CA GLU B 66 37.94 -25.20 18.10
C GLU B 66 37.45 -23.87 18.67
N ILE B 67 36.16 -23.53 18.45
CA ILE B 67 35.53 -22.25 18.88
C ILE B 67 35.34 -22.30 20.40
N ALA B 68 36.14 -21.52 21.14
CA ALA B 68 36.25 -21.57 22.62
C ALA B 68 35.21 -20.64 23.26
N GLY B 69 35.05 -19.44 22.73
CA GLY B 69 34.05 -18.47 23.21
C GLY B 69 33.82 -17.35 22.22
N VAL B 70 32.73 -16.58 22.40
CA VAL B 70 32.34 -15.46 21.50
C VAL B 70 31.71 -14.34 22.33
N ALA B 71 31.85 -13.10 21.85
CA ALA B 71 31.10 -11.92 22.33
C ALA B 71 30.38 -11.29 21.14
N LEU B 72 29.06 -11.51 21.04
CA LEU B 72 28.22 -10.87 20.01
C LEU B 72 27.93 -9.44 20.44
N ASN B 73 28.40 -8.49 19.64
CA ASN B 73 28.22 -7.03 19.85
C ASN B 73 27.33 -6.51 18.72
N GLY B 74 26.31 -5.71 19.08
CA GLY B 74 25.38 -5.07 18.13
C GLY B 74 25.22 -3.59 18.41
N ILE B 75 24.84 -2.81 17.39
CA ILE B 75 24.57 -1.35 17.49
C ILE B 75 23.09 -1.18 17.82
N ALA B 76 22.78 -0.69 19.03
CA ALA B 76 21.42 -0.32 19.43
C ALA B 76 21.17 1.14 19.04
N ARG B 77 19.96 1.44 18.56
CA ARG B 77 19.53 2.79 18.09
C ARG B 77 18.21 3.16 18.77
N ARG B 78 17.94 4.46 18.87
CA ARG B 78 16.65 5.00 19.39
C ARG B 78 15.52 4.34 18.62
N GLY B 79 14.48 3.89 19.34
CA GLY B 79 13.30 3.25 18.75
C GLY B 79 13.44 1.74 18.59
N ASP B 80 14.67 1.22 18.48
CA ASP B 80 14.94 -0.24 18.35
C ASP B 80 14.09 -1.00 19.38
N VAL B 81 14.07 -0.52 20.63
CA VAL B 81 13.40 -1.21 21.78
C VAL B 81 11.90 -1.34 21.48
N GLU B 82 11.26 -0.21 21.18
CA GLU B 82 9.78 -0.14 21.02
C GLU B 82 9.36 -0.86 19.74
N LYS B 83 10.22 -0.94 18.72
CA LYS B 83 10.02 -1.77 17.50
C LYS B 83 9.97 -3.25 17.89
N ALA B 84 10.83 -3.64 18.82
CA ALA B 84 10.99 -5.02 19.32
C ALA B 84 9.94 -5.32 20.40
N LEU B 85 8.93 -4.49 20.55
CA LEU B 85 7.90 -4.67 21.61
C LEU B 85 6.55 -4.76 20.91
N GLU B 86 6.37 -3.92 19.89
CA GLU B 86 5.32 -4.01 18.85
C GLU B 86 5.46 -5.35 18.12
N GLU B 87 6.67 -5.69 17.68
N GLU B 87 6.69 -5.70 17.71
CA GLU B 87 6.94 -6.94 16.91
CA GLU B 87 6.97 -6.92 16.91
C GLU B 87 6.67 -8.14 17.82
C GLU B 87 6.82 -8.16 17.80
N MET B 88 6.99 -7.99 19.10
CA MET B 88 6.86 -9.06 20.13
C MET B 88 5.39 -9.40 20.36
N LYS B 89 4.48 -8.47 20.07
CA LYS B 89 3.02 -8.67 20.25
C LYS B 89 2.52 -9.75 19.28
N SER B 90 2.99 -9.73 18.03
CA SER B 90 2.52 -10.63 16.94
C SER B 90 3.10 -12.05 17.12
N ILE B 91 4.22 -12.18 17.83
CA ILE B 91 4.90 -13.47 18.18
C ILE B 91 4.23 -14.07 19.42
N ASP B 92 3.61 -15.26 19.37
CA ASP B 92 2.73 -15.72 20.49
C ASP B 92 3.38 -16.91 21.23
N ASN B 93 4.70 -16.85 21.45
CA ASN B 93 5.44 -17.80 22.33
C ASN B 93 5.54 -17.18 23.73
N ILE B 94 4.90 -17.80 24.73
CA ILE B 94 4.66 -17.20 26.07
C ILE B 94 5.99 -17.12 26.83
N LYS B 95 6.90 -18.09 26.61
CA LYS B 95 8.25 -18.13 27.25
C LYS B 95 9.02 -16.90 26.78
N TYR B 96 9.06 -16.71 25.46
CA TYR B 96 9.81 -15.65 24.76
C TYR B 96 9.37 -14.28 25.25
N GLN B 97 8.06 -14.08 25.43
CA GLN B 97 7.51 -12.81 26.00
C GLN B 97 8.16 -12.57 27.37
N ARG B 98 8.22 -13.60 28.20
CA ARG B 98 8.69 -13.46 29.61
C ARG B 98 10.16 -13.03 29.61
N ILE B 99 11.02 -13.70 28.87
CA ILE B 99 12.44 -13.28 28.70
C ILE B 99 12.45 -11.84 28.20
N PHE B 100 12.13 -11.63 26.92
CA PHE B 100 12.45 -10.37 26.21
C PHE B 100 11.52 -9.25 26.65
N GLY B 101 10.34 -9.59 27.17
CA GLY B 101 9.45 -8.60 27.81
C GLY B 101 10.18 -7.89 28.93
N LEU B 102 10.89 -8.66 29.76
CA LEU B 102 11.71 -8.17 30.89
C LEU B 102 12.86 -7.33 30.34
N LEU B 103 13.62 -7.89 29.40
CA LEU B 103 14.83 -7.22 28.84
C LEU B 103 14.41 -5.88 28.22
N ASN B 104 13.42 -5.88 27.34
CA ASN B 104 13.09 -4.66 26.53
C ASN B 104 12.37 -3.64 27.42
N ASN B 105 11.48 -4.07 28.32
CA ASN B 105 10.79 -3.17 29.28
C ASN B 105 11.84 -2.48 30.16
N VAL B 106 12.68 -3.28 30.83
CA VAL B 106 13.76 -2.76 31.72
C VAL B 106 14.56 -1.72 30.94
N ASN B 107 14.97 -2.05 29.71
CA ASN B 107 15.81 -1.18 28.85
C ASN B 107 15.02 0.10 28.54
N LYS B 108 13.79 -0.06 28.02
CA LYS B 108 12.88 1.06 27.68
C LYS B 108 12.79 2.00 28.89
N SER B 109 12.59 1.44 30.09
CA SER B 109 12.23 2.18 31.33
C SER B 109 13.41 3.00 31.85
N ILE B 110 14.53 3.08 31.13
CA ILE B 110 15.70 3.93 31.51
C ILE B 110 16.35 4.59 30.29
N ASP B 111 15.64 4.93 29.23
CA ASP B 111 16.18 5.74 28.09
C ASP B 111 17.65 6.14 28.32
N LEU B 112 18.60 5.27 27.98
CA LEU B 112 20.06 5.53 28.13
C LEU B 112 20.45 6.57 27.08
N PHE B 113 19.85 6.47 25.90
CA PHE B 113 20.06 7.40 24.75
C PHE B 113 19.90 8.84 25.23
N THR B 114 18.90 9.10 26.07
CA THR B 114 18.64 10.45 26.63
C THR B 114 19.60 10.68 27.78
N LYS B 115 19.75 9.71 28.68
CA LYS B 115 20.61 9.84 29.88
C LYS B 115 22.00 10.34 29.48
N TYR B 116 22.57 9.79 28.41
CA TYR B 116 23.98 10.04 27.99
C TYR B 116 24.03 10.86 26.71
N ASN B 117 22.86 11.23 26.19
CA ASN B 117 22.72 12.03 24.95
C ASN B 117 23.54 11.37 23.82
N VAL B 118 23.04 10.25 23.28
CA VAL B 118 23.71 9.46 22.21
C VAL B 118 22.64 8.90 21.28
N ASP B 119 23.01 8.56 20.04
CA ASP B 119 22.09 8.08 18.98
C ASP B 119 22.30 6.58 18.76
N LYS B 120 23.51 6.07 19.05
CA LYS B 120 23.88 4.63 18.96
C LYS B 120 24.51 4.21 20.29
N ILE B 121 24.31 2.94 20.69
CA ILE B 121 24.93 2.30 21.89
C ILE B 121 25.55 0.97 21.46
N PHE B 122 26.80 0.73 21.87
CA PHE B 122 27.50 -0.56 21.73
C PHE B 122 26.96 -1.51 22.80
N GLU B 123 26.51 -2.67 22.35
CA GLU B 123 25.68 -3.59 23.16
C GLU B 123 26.35 -4.96 23.15
N LEU B 124 27.11 -5.29 24.20
CA LEU B 124 27.59 -6.68 24.40
C LEU B 124 26.36 -7.52 24.74
N ARG B 125 25.79 -8.17 23.74
CA ARG B 125 24.42 -8.71 23.77
C ARG B 125 24.44 -10.16 24.24
N ILE B 126 25.39 -10.93 23.76
CA ILE B 126 25.50 -12.39 24.04
C ILE B 126 26.96 -12.78 24.24
N LEU B 127 27.24 -13.38 25.39
CA LEU B 127 28.60 -13.72 25.89
C LEU B 127 28.64 -15.21 26.26
N SER B 128 29.32 -16.02 25.44
CA SER B 128 29.41 -17.50 25.55
C SER B 128 30.87 -17.95 25.62
N VAL B 129 31.19 -18.78 26.64
CA VAL B 129 32.45 -19.56 26.76
C VAL B 129 32.06 -21.03 26.94
N ASP B 130 32.57 -21.92 26.08
CA ASP B 130 32.27 -23.38 26.04
C ASP B 130 32.36 -23.96 27.47
N SER B 131 31.50 -24.93 27.79
CA SER B 131 31.51 -25.70 29.07
C SER B 131 32.94 -26.16 29.38
N ARG B 132 33.59 -26.76 28.38
CA ARG B 132 34.98 -27.29 28.43
C ARG B 132 35.92 -26.20 28.99
N PHE B 133 35.95 -25.02 28.36
CA PHE B 133 37.01 -23.97 28.49
C PHE B 133 36.62 -22.93 29.56
N ARG B 134 35.47 -23.08 30.20
CA ARG B 134 34.87 -22.10 31.15
C ARG B 134 35.72 -21.99 32.41
N GLY B 135 35.81 -20.80 33.00
CA GLY B 135 36.50 -20.58 34.28
C GLY B 135 37.98 -20.20 34.11
N ARG B 136 38.45 -20.01 32.87
CA ARG B 136 39.87 -19.69 32.58
C ARG B 136 40.02 -18.19 32.27
N GLY B 137 39.07 -17.35 32.72
CA GLY B 137 39.11 -15.88 32.54
C GLY B 137 38.91 -15.44 31.09
N ILE B 138 38.32 -16.29 30.25
CA ILE B 138 38.17 -16.04 28.79
C ILE B 138 37.09 -14.97 28.56
N ALA B 139 35.97 -15.04 29.28
CA ALA B 139 34.89 -14.04 29.21
C ALA B 139 35.48 -12.65 29.51
N LYS B 140 36.18 -12.53 30.64
CA LYS B 140 36.80 -11.26 31.07
C LYS B 140 37.62 -10.69 29.90
N GLU B 141 38.26 -11.55 29.13
CA GLU B 141 39.11 -11.10 27.99
C GLU B 141 38.18 -10.60 26.88
N LEU B 142 37.19 -11.41 26.50
CA LEU B 142 36.22 -11.08 25.42
C LEU B 142 35.62 -9.70 25.71
N PHE B 143 35.11 -9.51 26.93
CA PHE B 143 34.54 -8.24 27.43
C PHE B 143 35.52 -7.09 27.18
N LEU B 144 36.72 -7.14 27.76
CA LEU B 144 37.75 -6.08 27.56
C LEU B 144 37.95 -5.86 26.06
N ARG B 145 38.11 -6.93 25.27
CA ARG B 145 38.33 -6.84 23.80
C ARG B 145 37.15 -6.11 23.16
N SER B 146 35.93 -6.43 23.59
CA SER B 146 34.68 -5.84 23.07
C SER B 146 34.69 -4.33 23.34
N GLU B 147 35.05 -3.93 24.56
CA GLU B 147 35.12 -2.51 24.97
C GLU B 147 36.02 -1.75 23.98
N LEU B 148 37.10 -2.38 23.53
CA LEU B 148 38.14 -1.72 22.70
C LEU B 148 37.69 -1.67 21.23
N ILE B 149 36.86 -2.60 20.80
CA ILE B 149 36.20 -2.56 19.47
C ILE B 149 35.30 -1.32 19.45
N ALA B 150 34.61 -1.04 20.55
CA ALA B 150 33.72 0.12 20.68
C ALA B 150 34.52 1.39 20.43
N GLU B 151 35.60 1.61 21.18
CA GLU B 151 36.45 2.82 21.10
C GLU B 151 36.98 3.00 19.66
N GLU B 152 37.36 1.90 19.00
CA GLU B 152 37.92 1.93 17.61
C GLU B 152 36.83 2.30 16.60
N HIS B 153 35.56 2.04 16.90
CA HIS B 153 34.41 2.35 16.01
C HIS B 153 33.69 3.62 16.51
N GLY B 154 34.36 4.38 17.37
CA GLY B 154 33.95 5.73 17.77
C GLY B 154 32.62 5.73 18.50
N PHE B 155 32.32 4.65 19.23
CA PHE B 155 31.17 4.58 20.17
C PHE B 155 31.53 5.33 21.46
N LYS B 156 30.52 5.81 22.17
CA LYS B 156 30.66 6.67 23.38
C LYS B 156 30.17 5.93 24.61
N LEU B 157 29.22 5.00 24.47
CA LEU B 157 28.62 4.20 25.57
C LEU B 157 28.56 2.72 25.20
N VAL B 158 29.05 1.86 26.08
CA VAL B 158 28.93 0.38 25.99
C VAL B 158 27.94 -0.04 27.07
N LYS B 159 27.03 -0.96 26.74
CA LYS B 159 25.95 -1.44 27.63
C LYS B 159 25.89 -2.96 27.54
N VAL B 160 25.49 -3.61 28.64
CA VAL B 160 25.40 -5.10 28.74
C VAL B 160 24.19 -5.48 29.61
N ASP B 161 23.35 -6.36 29.09
CA ASP B 161 22.23 -6.99 29.84
C ASP B 161 22.83 -8.12 30.67
N ALA B 162 23.28 -7.82 31.88
CA ALA B 162 24.09 -8.74 32.71
C ALA B 162 23.18 -9.65 33.52
N THR B 163 22.69 -10.72 32.88
CA THR B 163 21.74 -11.71 33.48
C THR B 163 22.50 -12.63 34.44
N SER B 164 23.69 -13.08 34.04
CA SER B 164 24.66 -13.83 34.86
C SER B 164 25.38 -12.89 35.82
N LEU B 165 25.52 -13.32 37.07
CA LEU B 165 26.36 -12.65 38.11
C LEU B 165 27.84 -12.71 37.71
N PHE B 166 28.27 -13.76 37.00
CA PHE B 166 29.66 -13.88 36.48
C PHE B 166 29.92 -12.76 35.47
N THR B 167 28.92 -12.42 34.65
CA THR B 167 28.98 -11.28 33.69
C THR B 167 29.01 -9.95 34.44
N GLN B 168 28.30 -9.84 35.57
CA GLN B 168 28.30 -8.62 36.42
C GLN B 168 29.72 -8.39 36.96
N ARG B 169 30.41 -9.47 37.35
CA ARG B 169 31.78 -9.39 37.91
C ARG B 169 32.73 -8.89 36.83
N ALA B 170 32.71 -9.54 35.66
CA ALA B 170 33.53 -9.13 34.50
C ALA B 170 33.34 -7.62 34.31
N ALA B 171 32.08 -7.17 34.32
CA ALA B 171 31.71 -5.76 34.14
C ALA B 171 32.26 -4.94 35.30
N GLU B 172 31.98 -5.32 36.55
CA GLU B 172 32.57 -4.64 37.74
C GLU B 172 34.06 -4.44 37.46
N CYS B 173 34.75 -5.50 37.03
CA CYS B 173 36.23 -5.53 36.87
C CYS B 173 36.69 -4.45 35.90
N LEU B 174 35.98 -4.23 34.80
CA LEU B 174 36.33 -3.22 33.76
C LEU B 174 35.73 -1.85 34.13
N GLY B 175 35.07 -1.73 35.28
CA GLY B 175 34.63 -0.44 35.89
C GLY B 175 33.27 0.00 35.40
N PHE B 176 32.42 -0.94 34.99
CA PHE B 176 31.04 -0.69 34.54
C PHE B 176 30.16 -0.31 35.73
N ILE B 177 29.29 0.67 35.51
CA ILE B 177 28.26 1.19 36.46
C ILE B 177 26.97 0.39 36.29
N THR B 178 26.25 0.12 37.40
CA THR B 178 24.88 -0.46 37.38
C THR B 178 23.87 0.66 37.13
N GLU B 179 23.17 0.60 35.99
CA GLU B 179 22.12 1.57 35.58
C GLU B 179 20.81 1.22 36.28
N LYS B 180 20.33 -0.01 36.09
CA LYS B 180 19.12 -0.54 36.76
C LYS B 180 19.44 -1.92 37.34
N CYS B 181 19.07 -2.12 38.61
CA CYS B 181 19.11 -3.44 39.28
C CYS B 181 17.68 -3.91 39.52
N VAL B 182 17.38 -5.16 39.19
CA VAL B 182 16.03 -5.77 39.27
C VAL B 182 16.15 -7.25 39.68
N THR B 183 15.39 -7.64 40.70
CA THR B 183 15.35 -8.99 41.31
C THR B 183 14.36 -9.88 40.54
N TYR B 184 14.82 -11.03 40.04
CA TYR B 184 14.01 -11.99 39.26
C TYR B 184 12.77 -12.46 40.05
N GLY B 185 12.91 -12.52 41.38
CA GLY B 185 11.84 -12.97 42.30
C GLY B 185 10.60 -12.10 42.18
N ASP B 186 10.79 -10.78 42.06
CA ASP B 186 9.72 -9.75 42.09
C ASP B 186 8.54 -10.08 41.17
N PHE B 187 8.75 -10.90 40.14
CA PHE B 187 7.75 -11.15 39.07
C PHE B 187 7.02 -12.46 39.32
N LYS B 188 5.71 -12.34 39.58
CA LYS B 188 4.77 -13.44 39.88
C LYS B 188 3.59 -13.37 38.92
N ASP B 189 3.07 -14.52 38.48
CA ASP B 189 1.96 -14.63 37.50
C ASP B 189 0.63 -14.45 38.24
N GLU B 190 -0.49 -14.56 37.51
CA GLU B 190 -1.91 -14.49 37.97
C GLU B 190 -2.10 -15.17 39.35
N ASN B 191 -1.47 -16.33 39.60
CA ASN B 191 -1.61 -17.10 40.86
C ASN B 191 -0.80 -16.44 41.99
N GLY B 192 0.42 -16.00 41.69
CA GLY B 192 1.44 -15.63 42.69
C GLY B 192 2.68 -16.50 42.59
N ARG B 193 2.76 -17.34 41.57
CA ARG B 193 3.92 -18.22 41.29
C ARG B 193 5.03 -17.40 40.63
N LYS B 194 6.28 -17.54 41.08
CA LYS B 194 7.48 -16.90 40.48
C LYS B 194 7.60 -17.27 38.99
N ILE B 195 7.74 -16.27 38.13
CA ILE B 195 7.82 -16.43 36.65
C ILE B 195 9.27 -16.73 36.26
N TYR B 196 10.21 -16.11 36.99
CA TYR B 196 11.67 -16.35 36.85
C TYR B 196 12.14 -17.03 38.12
N ASP B 197 11.85 -18.32 38.23
CA ASP B 197 12.42 -19.21 39.27
C ASP B 197 13.88 -19.47 38.88
N THR B 198 14.75 -18.50 39.19
CA THR B 198 16.22 -18.58 38.93
C THR B 198 16.90 -19.34 40.07
N LYS B 199 17.89 -20.17 39.76
CA LYS B 199 18.71 -20.88 40.77
C LYS B 199 19.89 -19.98 41.14
N SER B 200 20.14 -19.82 42.44
CA SER B 200 21.27 -19.03 43.01
C SER B 200 22.56 -19.48 42.33
N PRO B 201 23.56 -18.58 42.14
CA PRO B 201 23.60 -17.26 42.77
C PRO B 201 23.08 -16.05 41.97
N HIS B 202 22.25 -16.29 40.94
CA HIS B 202 21.77 -15.25 39.99
C HIS B 202 20.42 -14.69 40.43
N ASP B 203 20.41 -13.94 41.55
CA ASP B 203 19.16 -13.51 42.23
C ASP B 203 18.64 -12.20 41.60
N TYR B 204 19.38 -11.61 40.65
CA TYR B 204 19.01 -10.33 40.00
C TYR B 204 19.74 -10.11 38.67
N TYR B 205 19.13 -9.26 37.84
CA TYR B 205 19.59 -8.83 36.49
C TYR B 205 19.97 -7.35 36.58
N LYS B 206 21.17 -7.03 36.10
CA LYS B 206 21.72 -5.66 36.07
C LYS B 206 21.96 -5.26 34.61
N VAL B 207 21.41 -4.11 34.22
CA VAL B 207 21.87 -3.34 33.04
C VAL B 207 23.10 -2.55 33.49
N MET B 208 24.22 -2.76 32.81
CA MET B 208 25.52 -2.14 33.18
C MET B 208 26.13 -1.42 31.98
N THR B 209 26.95 -0.43 32.27
CA THR B 209 27.28 0.68 31.35
C THR B 209 28.71 1.13 31.64
N LYS B 210 29.42 1.59 30.60
CA LYS B 210 30.67 2.35 30.75
C LYS B 210 30.76 3.33 29.60
N VAL B 211 31.35 4.50 29.87
CA VAL B 211 31.54 5.61 28.89
C VAL B 211 33.00 5.50 28.40
N VAL B 212 33.24 5.69 27.09
CA VAL B 212 34.51 5.31 26.41
C VAL B 212 35.03 6.48 25.54
N SER B 213 35.86 6.23 24.51
CA SER B 213 36.65 7.26 23.76
C SER B 213 36.51 7.12 22.23
N MET C 1 -25.96 -6.50 -6.72
CA MET C 1 -24.55 -7.03 -6.70
C MET C 1 -23.59 -6.02 -7.34
N GLU C 2 -22.66 -5.46 -6.57
CA GLU C 2 -21.77 -4.35 -7.03
C GLU C 2 -20.30 -4.80 -6.97
N TYR C 3 -19.59 -4.64 -8.10
CA TYR C 3 -18.20 -5.12 -8.33
C TYR C 3 -17.26 -3.92 -8.47
N GLY C 4 -16.31 -3.76 -7.54
CA GLY C 4 -15.37 -2.63 -7.54
C GLY C 4 -14.01 -3.01 -6.95
N PRO C 5 -13.02 -2.08 -6.99
CA PRO C 5 -11.75 -2.28 -6.30
C PRO C 5 -11.88 -2.51 -4.79
N ILE C 6 -10.77 -2.89 -4.15
CA ILE C 6 -10.71 -3.19 -2.68
C ILE C 6 -9.81 -2.17 -1.99
N PRO C 7 -10.38 -1.16 -1.28
CA PRO C 7 -9.56 -0.18 -0.58
C PRO C 7 -8.77 -0.84 0.56
N SER C 8 -7.65 -0.22 0.95
CA SER C 8 -6.75 -0.64 2.05
C SER C 8 -7.58 -0.92 3.32
N SER C 9 -8.62 -0.10 3.54
CA SER C 9 -9.52 -0.13 4.72
C SER C 9 -10.16 -1.50 4.92
N LYS C 10 -10.47 -2.23 3.84
CA LYS C 10 -11.34 -3.44 3.88
C LYS C 10 -10.52 -4.72 3.74
N PHE C 11 -9.28 -4.75 4.24
CA PHE C 11 -8.37 -5.90 4.05
C PHE C 11 -8.69 -6.98 5.09
N THR C 12 -9.06 -6.61 6.32
CA THR C 12 -9.40 -7.58 7.39
C THR C 12 -10.88 -7.98 7.28
N ASP C 13 -11.72 -7.11 6.69
CA ASP C 13 -13.03 -7.50 6.11
C ASP C 13 -12.81 -8.76 5.27
N VAL C 14 -11.88 -8.68 4.32
CA VAL C 14 -11.60 -9.75 3.31
C VAL C 14 -11.05 -10.99 4.03
N ILE C 15 -10.13 -10.82 4.98
CA ILE C 15 -9.47 -11.97 5.68
C ILE C 15 -10.55 -12.71 6.47
N HIS C 16 -11.41 -11.97 7.20
CA HIS C 16 -12.51 -12.54 8.01
C HIS C 16 -13.54 -13.19 7.10
N HIS C 17 -13.66 -12.71 5.85
CA HIS C 17 -14.43 -13.38 4.77
C HIS C 17 -13.74 -14.69 4.40
N LEU C 18 -12.43 -14.65 4.13
CA LEU C 18 -11.65 -15.84 3.71
C LEU C 18 -11.72 -16.90 4.80
N ARG C 19 -11.46 -16.50 6.05
CA ARG C 19 -11.48 -17.42 7.23
C ARG C 19 -12.78 -18.22 7.23
N HIS C 20 -13.93 -17.55 7.07
CA HIS C 20 -15.30 -18.12 7.25
C HIS C 20 -15.77 -18.87 5.99
N ASN C 21 -14.95 -18.96 4.92
CA ASN C 21 -15.41 -19.44 3.59
C ASN C 21 -14.38 -20.33 2.90
N PHE C 22 -13.16 -19.84 2.68
CA PHE C 22 -12.19 -20.44 1.72
C PHE C 22 -11.57 -21.74 2.24
N PRO C 23 -11.63 -22.07 3.56
CA PRO C 23 -11.20 -23.38 4.05
C PRO C 23 -11.75 -24.63 3.35
N ASP C 24 -12.95 -24.56 2.76
CA ASP C 24 -13.58 -25.72 2.07
C ASP C 24 -13.21 -25.68 0.58
N GLU C 25 -11.99 -25.21 0.28
CA GLU C 25 -11.33 -25.35 -1.04
C GLU C 25 -10.88 -26.81 -1.19
N PRO C 26 -11.09 -27.42 -2.38
CA PRO C 26 -10.83 -28.85 -2.59
C PRO C 26 -9.46 -29.40 -2.13
N LEU C 27 -8.38 -28.69 -2.46
CA LEU C 27 -7.00 -29.11 -2.08
C LEU C 27 -6.82 -28.94 -0.58
N ASN C 28 -7.08 -27.73 -0.05
CA ASN C 28 -7.13 -27.44 1.39
C ASN C 28 -7.73 -28.65 2.10
N ALA C 29 -8.93 -29.04 1.69
CA ALA C 29 -9.78 -30.08 2.32
C ALA C 29 -9.02 -31.41 2.41
N SER C 30 -8.39 -31.83 1.31
CA SER C 30 -7.77 -33.18 1.17
C SER C 30 -6.46 -33.29 1.95
N VAL C 31 -6.00 -32.22 2.61
CA VAL C 31 -4.82 -32.21 3.52
C VAL C 31 -5.19 -31.54 4.85
N GLY C 32 -6.11 -30.57 4.83
CA GLY C 32 -6.76 -30.00 6.02
C GLY C 32 -5.88 -28.98 6.72
N LEU C 33 -5.45 -27.93 6.01
CA LEU C 33 -4.55 -26.89 6.57
C LEU C 33 -5.35 -25.90 7.41
N CYS C 34 -6.39 -25.28 6.84
CA CYS C 34 -7.16 -24.16 7.45
C CYS C 34 -8.60 -24.60 7.71
N VAL C 35 -9.31 -23.91 8.60
CA VAL C 35 -10.65 -24.33 9.15
C VAL C 35 -11.46 -23.08 9.55
N HIS C 36 -12.80 -23.13 9.42
CA HIS C 36 -13.76 -21.99 9.52
C HIS C 36 -13.42 -21.10 10.73
N GLY C 37 -13.46 -19.78 10.54
CA GLY C 37 -13.49 -18.74 11.61
C GLY C 37 -12.14 -18.55 12.27
N LYS C 38 -11.37 -19.65 12.44
CA LYS C 38 -9.98 -19.67 12.96
C LYS C 38 -9.04 -19.08 11.92
N PRO C 39 -8.06 -18.24 12.33
CA PRO C 39 -7.04 -17.76 11.40
C PRO C 39 -6.18 -18.91 10.85
N CYS C 40 -5.62 -18.71 9.65
CA CYS C 40 -4.60 -19.58 9.00
C CYS C 40 -3.38 -18.75 8.61
N GLU C 41 -2.79 -18.03 9.58
CA GLU C 41 -1.90 -16.85 9.39
C GLU C 41 -0.84 -17.09 8.30
N LEU C 42 -0.46 -18.36 8.08
CA LEU C 42 0.48 -18.80 7.01
C LEU C 42 0.08 -18.20 5.66
N LEU C 43 -1.03 -18.69 5.10
CA LEU C 43 -1.56 -18.20 3.79
C LEU C 43 -1.87 -16.70 3.93
N GLU C 44 -2.61 -16.32 4.97
CA GLU C 44 -3.14 -14.96 5.20
C GLU C 44 -2.03 -13.94 4.87
N HIS C 45 -0.76 -14.27 5.10
CA HIS C 45 0.40 -13.40 4.76
C HIS C 45 0.52 -13.23 3.23
N HIS C 46 0.64 -14.33 2.48
CA HIS C 46 0.68 -14.33 0.99
C HIS C 46 -0.44 -13.45 0.47
N ASP C 47 -1.67 -13.74 0.91
CA ASP C 47 -2.91 -13.09 0.43
C ASP C 47 -2.76 -11.58 0.64
N LEU C 48 -2.14 -11.19 1.77
CA LEU C 48 -1.97 -9.78 2.20
C LEU C 48 -1.08 -9.04 1.20
N GLN C 49 -0.07 -9.73 0.64
CA GLN C 49 0.89 -9.17 -0.36
C GLN C 49 0.25 -9.10 -1.75
N THR C 50 -0.43 -10.18 -2.16
CA THR C 50 -1.22 -10.26 -3.41
C THR C 50 -2.16 -9.06 -3.46
N LEU C 51 -2.77 -8.73 -2.31
CA LEU C 51 -3.75 -7.62 -2.19
C LEU C 51 -3.04 -6.28 -2.43
N GLU C 52 -1.76 -6.18 -2.08
CA GLU C 52 -1.00 -4.89 -2.15
C GLU C 52 -0.43 -4.67 -3.56
N ASP C 53 -0.60 -5.65 -4.46
CA ASP C 53 -0.41 -5.46 -5.93
C ASP C 53 -1.54 -4.56 -6.46
N GLY C 54 -2.66 -4.53 -5.73
CA GLY C 54 -3.81 -3.63 -5.96
C GLY C 54 -4.57 -3.94 -7.23
N LEU C 55 -4.71 -5.22 -7.61
CA LEU C 55 -5.42 -5.63 -8.86
C LEU C 55 -6.71 -6.38 -8.49
N SER C 56 -6.91 -6.69 -7.21
CA SER C 56 -7.92 -7.63 -6.71
C SER C 56 -9.31 -6.98 -6.70
N ILE C 57 -10.37 -7.78 -6.90
CA ILE C 57 -11.78 -7.31 -7.11
C ILE C 57 -12.65 -7.91 -6.00
N MET C 58 -13.58 -7.13 -5.43
CA MET C 58 -14.60 -7.65 -4.49
C MET C 58 -16.01 -7.40 -5.05
N ALA C 59 -16.92 -8.33 -4.73
CA ALA C 59 -18.38 -8.16 -4.87
C ALA C 59 -18.98 -7.89 -3.48
N VAL C 60 -19.71 -6.78 -3.33
CA VAL C 60 -20.44 -6.43 -2.08
C VAL C 60 -21.94 -6.60 -2.35
N GLU C 61 -22.69 -6.99 -1.31
CA GLU C 61 -24.18 -7.09 -1.33
C GLU C 61 -24.74 -5.68 -1.34
N SER C 62 -25.44 -5.33 -2.42
CA SER C 62 -25.98 -3.96 -2.69
C SER C 62 -26.52 -3.41 -1.37
N THR C 63 -27.58 -4.04 -0.86
CA THR C 63 -28.41 -3.57 0.27
C THR C 63 -27.62 -3.66 1.59
N THR C 64 -27.11 -4.84 1.94
CA THR C 64 -26.60 -5.15 3.31
C THR C 64 -25.15 -4.67 3.49
N GLY C 65 -24.44 -4.39 2.40
CA GLY C 65 -23.04 -3.92 2.42
C GLY C 65 -22.05 -4.97 2.92
N GLU C 66 -22.46 -6.25 3.02
CA GLU C 66 -21.59 -7.39 3.43
C GLU C 66 -20.70 -7.80 2.26
N ILE C 67 -19.56 -8.45 2.55
CA ILE C 67 -18.55 -8.89 1.53
C ILE C 67 -19.00 -10.22 0.94
N ALA C 68 -19.46 -10.22 -0.32
CA ALA C 68 -20.14 -11.36 -1.00
C ALA C 68 -19.10 -12.32 -1.59
N GLY C 69 -18.07 -11.78 -2.23
CA GLY C 69 -16.99 -12.57 -2.84
C GLY C 69 -15.81 -11.69 -3.23
N VAL C 70 -14.67 -12.32 -3.55
CA VAL C 70 -13.42 -11.61 -3.95
C VAL C 70 -12.64 -12.46 -4.96
N ALA C 71 -11.96 -11.80 -5.88
CA ALA C 71 -10.90 -12.38 -6.74
C ALA C 71 -9.58 -11.68 -6.41
N LEU C 72 -8.65 -12.42 -5.80
CA LEU C 72 -7.31 -11.90 -5.45
C LEU C 72 -6.36 -12.14 -6.63
N ASN C 73 -5.88 -11.05 -7.22
CA ASN C 73 -5.06 -11.05 -8.46
C ASN C 73 -3.67 -10.52 -8.12
N GLY C 74 -2.63 -11.29 -8.41
CA GLY C 74 -1.22 -10.91 -8.21
C GLY C 74 -0.41 -10.94 -9.51
N ILE C 75 0.68 -10.18 -9.55
CA ILE C 75 1.67 -10.21 -10.68
C ILE C 75 2.68 -11.29 -10.35
N ALA C 76 2.81 -12.30 -11.20
CA ALA C 76 3.84 -13.34 -11.11
C ALA C 76 4.98 -12.97 -12.04
N ARG C 77 6.23 -13.11 -11.57
CA ARG C 77 7.46 -12.77 -12.32
C ARG C 77 8.38 -13.99 -12.39
N ARG C 78 9.26 -14.03 -13.39
CA ARG C 78 10.27 -15.09 -13.57
C ARG C 78 11.03 -15.26 -12.26
N GLY C 79 11.22 -16.52 -11.82
CA GLY C 79 11.99 -16.87 -10.61
C GLY C 79 11.15 -16.81 -9.34
N ASP C 80 10.00 -16.14 -9.34
CA ASP C 80 9.07 -16.12 -8.18
C ASP C 80 8.87 -17.55 -7.68
N VAL C 81 8.65 -18.49 -8.62
CA VAL C 81 8.32 -19.92 -8.33
C VAL C 81 9.49 -20.52 -7.54
N GLU C 82 10.70 -20.41 -8.07
CA GLU C 82 11.89 -21.13 -7.49
C GLU C 82 12.33 -20.44 -6.19
N LYS C 83 11.96 -19.17 -5.97
CA LYS C 83 12.18 -18.48 -4.66
C LYS C 83 11.24 -19.09 -3.61
N ALA C 84 9.98 -19.29 -3.99
CA ALA C 84 8.93 -19.93 -3.16
C ALA C 84 9.35 -21.35 -2.79
N LEU C 85 9.97 -22.08 -3.72
CA LEU C 85 10.39 -23.48 -3.49
C LEU C 85 11.59 -23.55 -2.53
N GLU C 86 12.54 -22.60 -2.64
CA GLU C 86 13.71 -22.48 -1.72
C GLU C 86 13.18 -22.07 -0.34
N GLU C 87 12.32 -21.05 -0.32
CA GLU C 87 11.78 -20.46 0.92
C GLU C 87 10.87 -21.45 1.62
N MET C 88 10.36 -22.44 0.88
CA MET C 88 9.44 -23.50 1.37
C MET C 88 10.22 -24.56 2.14
N LYS C 89 11.49 -24.75 1.79
CA LYS C 89 12.40 -25.75 2.42
C LYS C 89 12.56 -25.45 3.91
N SER C 90 12.76 -24.18 4.26
CA SER C 90 13.02 -23.72 5.64
C SER C 90 11.72 -23.68 6.45
N ILE C 91 10.58 -24.11 5.88
CA ILE C 91 9.22 -23.86 6.44
C ILE C 91 8.66 -25.05 7.26
N ASP C 92 8.96 -26.33 7.02
CA ASP C 92 8.75 -27.44 8.00
C ASP C 92 7.28 -27.57 8.50
N ASN C 93 6.26 -27.13 7.75
CA ASN C 93 4.84 -27.55 7.93
C ASN C 93 4.51 -28.53 6.80
N ILE C 94 4.25 -29.80 7.14
CA ILE C 94 4.23 -30.93 6.18
C ILE C 94 2.99 -30.77 5.28
N LYS C 95 1.88 -30.32 5.85
CA LYS C 95 0.60 -30.05 5.13
C LYS C 95 0.85 -29.01 4.03
N TYR C 96 1.46 -27.89 4.43
CA TYR C 96 1.80 -26.72 3.57
C TYR C 96 2.67 -27.20 2.42
N GLN C 97 3.70 -27.99 2.72
CA GLN C 97 4.62 -28.54 1.69
C GLN C 97 3.79 -29.26 0.61
N ARG C 98 2.83 -30.08 1.03
CA ARG C 98 2.04 -30.94 0.11
C ARG C 98 1.20 -30.05 -0.81
N ILE C 99 0.44 -29.10 -0.26
CA ILE C 99 -0.32 -28.10 -1.06
C ILE C 99 0.64 -27.42 -2.04
N PHE C 100 1.49 -26.54 -1.54
CA PHE C 100 2.23 -25.56 -2.36
C PHE C 100 3.41 -26.21 -3.08
N GLY C 101 3.83 -27.38 -2.61
CA GLY C 101 4.80 -28.23 -3.34
C GLY C 101 4.25 -28.59 -4.69
N LEU C 102 2.99 -29.02 -4.71
CA LEU C 102 2.24 -29.40 -5.93
C LEU C 102 2.11 -28.17 -6.82
N LEU C 103 1.54 -27.11 -6.28
CA LEU C 103 1.26 -25.87 -7.06
C LEU C 103 2.55 -25.41 -7.73
N ASN C 104 3.60 -25.15 -6.95
CA ASN C 104 4.84 -24.51 -7.44
C ASN C 104 5.56 -25.50 -8.38
N ASN C 105 5.67 -26.79 -8.01
CA ASN C 105 6.29 -27.81 -8.89
C ASN C 105 5.59 -27.80 -10.26
N VAL C 106 4.29 -28.09 -10.26
CA VAL C 106 3.43 -28.09 -11.49
C VAL C 106 3.71 -26.81 -12.29
N ASN C 107 3.61 -25.64 -11.64
CA ASN C 107 3.82 -24.33 -12.32
C ASN C 107 5.24 -24.30 -12.89
N LYS C 108 6.25 -24.61 -12.07
CA LYS C 108 7.69 -24.68 -12.47
C LYS C 108 7.82 -25.57 -13.72
N SER C 109 7.15 -26.73 -13.73
CA SER C 109 7.33 -27.80 -14.74
C SER C 109 6.78 -27.38 -16.11
N ILE C 110 6.12 -26.23 -16.21
CA ILE C 110 5.68 -25.65 -17.51
C ILE C 110 6.03 -24.15 -17.52
N ASP C 111 7.22 -23.82 -17.98
CA ASP C 111 7.74 -22.43 -18.02
C ASP C 111 6.80 -21.62 -18.91
N LEU C 112 5.71 -21.11 -18.35
CA LEU C 112 4.69 -20.32 -19.11
C LEU C 112 5.37 -19.05 -19.61
N PHE C 113 6.23 -18.44 -18.78
CA PHE C 113 7.02 -17.24 -19.13
C PHE C 113 7.78 -17.46 -20.45
N THR C 114 8.39 -18.64 -20.63
CA THR C 114 9.09 -18.99 -21.89
C THR C 114 8.03 -19.26 -22.95
N LYS C 115 7.10 -20.16 -22.66
CA LYS C 115 6.07 -20.61 -23.63
C LYS C 115 5.47 -19.42 -24.39
N TYR C 116 5.12 -18.33 -23.70
CA TYR C 116 4.37 -17.19 -24.29
C TYR C 116 5.26 -15.95 -24.36
N ASN C 117 6.54 -16.10 -24.04
CA ASN C 117 7.57 -15.03 -24.11
C ASN C 117 7.03 -13.78 -23.40
N VAL C 118 6.98 -13.79 -22.06
CA VAL C 118 6.45 -12.69 -21.20
C VAL C 118 7.29 -12.64 -19.92
N ASP C 119 7.31 -11.50 -19.23
CA ASP C 119 8.14 -11.27 -18.02
C ASP C 119 7.24 -11.15 -16.78
N LYS C 120 5.96 -10.82 -16.98
CA LYS C 120 4.92 -10.80 -15.90
C LYS C 120 3.72 -11.61 -16.38
N ILE C 121 2.99 -12.23 -15.43
CA ILE C 121 1.73 -12.98 -15.68
C ILE C 121 0.69 -12.54 -14.66
N PHE C 122 -0.52 -12.25 -15.13
CA PHE C 122 -1.71 -11.98 -14.30
C PHE C 122 -2.22 -13.30 -13.75
N GLU C 123 -2.42 -13.35 -12.44
CA GLU C 123 -2.61 -14.62 -11.71
C GLU C 123 -3.86 -14.46 -10.84
N LEU C 124 -5.02 -14.89 -11.33
CA LEU C 124 -6.22 -15.09 -10.48
C LEU C 124 -5.87 -16.21 -9.50
N ARG C 125 -5.43 -15.83 -8.31
CA ARG C 125 -4.73 -16.71 -7.34
C ARG C 125 -5.75 -17.35 -6.39
N ILE C 126 -6.65 -16.53 -5.86
CA ILE C 126 -7.66 -16.96 -4.84
C ILE C 126 -9.03 -16.38 -5.20
N LEU C 127 -10.02 -17.27 -5.33
CA LEU C 127 -11.41 -16.96 -5.77
C LEU C 127 -12.39 -17.45 -4.70
N SER C 128 -13.04 -16.51 -4.00
CA SER C 128 -13.97 -16.79 -2.86
C SER C 128 -15.33 -16.14 -3.10
N VAL C 129 -16.39 -16.95 -3.04
CA VAL C 129 -17.81 -16.52 -2.92
C VAL C 129 -18.37 -17.12 -1.63
N ASP C 130 -18.83 -16.27 -0.69
CA ASP C 130 -19.41 -16.66 0.62
C ASP C 130 -20.39 -17.82 0.41
N SER C 131 -20.46 -18.74 1.38
CA SER C 131 -21.38 -19.93 1.42
C SER C 131 -22.83 -19.47 1.16
N ARG C 132 -23.25 -18.42 1.86
CA ARG C 132 -24.56 -17.75 1.74
C ARG C 132 -24.89 -17.49 0.24
N PHE C 133 -24.00 -16.79 -0.46
CA PHE C 133 -24.25 -16.12 -1.78
C PHE C 133 -23.77 -17.02 -2.95
N ARG C 134 -23.31 -18.22 -2.66
CA ARG C 134 -22.66 -19.14 -3.64
C ARG C 134 -23.72 -19.69 -4.60
N GLY C 135 -23.36 -19.87 -5.87
CA GLY C 135 -24.22 -20.53 -6.88
C GLY C 135 -25.02 -19.53 -7.71
N ARG C 136 -24.85 -18.22 -7.46
CA ARG C 136 -25.62 -17.14 -8.14
C ARG C 136 -24.78 -16.57 -9.30
N GLY C 137 -23.81 -17.32 -9.81
CA GLY C 137 -22.96 -16.92 -10.96
C GLY C 137 -22.02 -15.77 -10.63
N ILE C 138 -21.67 -15.58 -9.35
CA ILE C 138 -20.87 -14.41 -8.86
C ILE C 138 -19.39 -14.62 -9.22
N ALA C 139 -18.87 -15.83 -9.01
CA ALA C 139 -17.49 -16.21 -9.39
C ALA C 139 -17.28 -15.90 -10.88
N LYS C 140 -18.16 -16.41 -11.74
CA LYS C 140 -18.06 -16.19 -13.20
C LYS C 140 -17.90 -14.70 -13.47
N GLU C 141 -18.54 -13.83 -12.69
CA GLU C 141 -18.46 -12.36 -12.87
C GLU C 141 -17.08 -11.88 -12.44
N LEU C 142 -16.64 -12.29 -11.25
CA LEU C 142 -15.33 -11.90 -10.67
C LEU C 142 -14.24 -12.24 -11.68
N PHE C 143 -14.28 -13.46 -12.21
CA PHE C 143 -13.34 -13.99 -13.24
C PHE C 143 -13.32 -13.07 -14.47
N LEU C 144 -14.47 -12.84 -15.10
CA LEU C 144 -14.60 -11.93 -16.27
C LEU C 144 -13.99 -10.58 -15.90
N ARG C 145 -14.39 -10.02 -14.75
CA ARG C 145 -13.95 -8.68 -14.27
C ARG C 145 -12.43 -8.67 -14.06
N SER C 146 -11.88 -9.79 -13.61
CA SER C 146 -10.43 -9.98 -13.36
C SER C 146 -9.68 -9.95 -14.69
N GLU C 147 -10.19 -10.68 -15.68
CA GLU C 147 -9.63 -10.72 -17.07
C GLU C 147 -9.50 -9.28 -17.58
N LEU C 148 -10.48 -8.42 -17.30
CA LEU C 148 -10.57 -7.06 -17.89
C LEU C 148 -9.62 -6.10 -17.16
N ILE C 149 -9.38 -6.31 -15.87
CA ILE C 149 -8.34 -5.58 -15.10
C ILE C 149 -6.99 -5.85 -15.77
N ALA C 150 -6.73 -7.10 -16.13
CA ALA C 150 -5.47 -7.54 -16.75
C ALA C 150 -5.24 -6.76 -18.05
N GLU C 151 -6.29 -6.60 -18.87
CA GLU C 151 -6.20 -5.87 -20.17
C GLU C 151 -5.94 -4.39 -19.91
N GLU C 152 -6.55 -3.81 -18.88
CA GLU C 152 -6.38 -2.37 -18.51
C GLU C 152 -4.96 -2.09 -17.99
N HIS C 153 -4.33 -3.07 -17.35
CA HIS C 153 -2.96 -2.96 -16.80
C HIS C 153 -1.95 -3.58 -17.75
N GLY C 154 -2.33 -3.73 -19.02
CA GLY C 154 -1.43 -4.03 -20.15
C GLY C 154 -0.74 -5.37 -19.98
N PHE C 155 -1.41 -6.33 -19.32
CA PHE C 155 -0.95 -7.74 -19.24
C PHE C 155 -1.28 -8.46 -20.55
N LYS C 156 -0.57 -9.56 -20.81
CA LYS C 156 -0.63 -10.33 -22.08
C LYS C 156 -1.20 -11.74 -21.84
N LEU C 157 -0.94 -12.32 -20.67
CA LEU C 157 -1.38 -13.69 -20.29
C LEU C 157 -2.03 -13.68 -18.89
N VAL C 158 -3.19 -14.32 -18.76
CA VAL C 158 -3.89 -14.54 -17.47
C VAL C 158 -3.80 -16.03 -17.13
N LYS C 159 -3.52 -16.35 -15.88
CA LYS C 159 -3.31 -17.74 -15.41
C LYS C 159 -4.12 -17.96 -14.13
N VAL C 160 -4.63 -19.19 -13.95
CA VAL C 160 -5.40 -19.59 -12.74
C VAL C 160 -5.04 -21.04 -12.36
N ASP C 161 -4.67 -21.23 -11.08
CA ASP C 161 -4.46 -22.57 -10.49
C ASP C 161 -5.84 -23.12 -10.15
N ALA C 162 -6.50 -23.72 -11.13
CA ALA C 162 -7.93 -24.11 -11.05
C ALA C 162 -8.06 -25.46 -10.34
N THR C 163 -8.10 -25.43 -9.01
CA THR C 163 -8.20 -26.62 -8.13
C THR C 163 -9.66 -27.11 -8.05
N SER C 164 -10.60 -26.16 -7.96
CA SER C 164 -12.06 -26.38 -8.05
C SER C 164 -12.44 -26.64 -9.51
N LEU C 165 -13.23 -27.69 -9.74
CA LEU C 165 -13.88 -27.98 -11.05
C LEU C 165 -14.83 -26.82 -11.43
N PHE C 166 -15.46 -26.18 -10.45
CA PHE C 166 -16.35 -25.02 -10.69
C PHE C 166 -15.54 -23.89 -11.32
N THR C 167 -14.38 -23.57 -10.73
CA THR C 167 -13.37 -22.63 -11.28
C THR C 167 -12.96 -23.03 -12.69
N GLN C 168 -12.83 -24.33 -12.98
CA GLN C 168 -12.49 -24.84 -14.32
C GLN C 168 -13.63 -24.49 -15.29
N ARG C 169 -14.88 -24.58 -14.84
CA ARG C 169 -16.08 -24.21 -15.63
C ARG C 169 -15.99 -22.73 -15.99
N ALA C 170 -15.94 -21.90 -14.97
CA ALA C 170 -15.82 -20.44 -15.10
C ALA C 170 -14.78 -20.15 -16.19
N ALA C 171 -13.64 -20.82 -16.10
CA ALA C 171 -12.49 -20.63 -16.99
C ALA C 171 -12.86 -21.11 -18.39
N GLU C 172 -13.38 -22.33 -18.51
CA GLU C 172 -13.88 -22.88 -19.80
C GLU C 172 -14.81 -21.84 -20.43
N CYS C 173 -15.65 -21.21 -19.62
CA CYS C 173 -16.71 -20.29 -20.08
C CYS C 173 -16.11 -19.04 -20.73
N LEU C 174 -15.04 -18.49 -20.16
CA LEU C 174 -14.33 -17.30 -20.71
C LEU C 174 -13.30 -17.75 -21.76
N GLY C 175 -13.21 -19.05 -22.04
CA GLY C 175 -12.44 -19.61 -23.17
C GLY C 175 -10.99 -19.92 -22.79
N PHE C 176 -10.72 -20.11 -21.51
CA PHE C 176 -9.39 -20.48 -21.00
C PHE C 176 -8.99 -21.87 -21.51
N ILE C 177 -7.72 -22.00 -21.87
CA ILE C 177 -7.03 -23.25 -22.31
C ILE C 177 -6.47 -23.95 -21.06
N THR C 178 -6.48 -25.29 -21.05
CA THR C 178 -5.76 -26.13 -20.06
C THR C 178 -4.31 -26.28 -20.52
N GLU C 179 -3.37 -25.81 -19.69
CA GLU C 179 -1.89 -25.89 -19.91
C GLU C 179 -1.39 -27.24 -19.40
N LYS C 180 -1.71 -27.56 -18.14
CA LYS C 180 -1.35 -28.85 -17.49
C LYS C 180 -2.58 -29.40 -16.78
N CYS C 181 -2.93 -30.66 -17.05
CA CYS C 181 -3.93 -31.41 -16.25
C CYS C 181 -3.20 -32.46 -15.42
N VAL C 182 -3.52 -32.54 -14.12
CA VAL C 182 -2.90 -33.46 -13.14
C VAL C 182 -3.97 -33.95 -12.17
N THR C 183 -4.04 -35.28 -12.02
CA THR C 183 -4.98 -36.02 -11.13
C THR C 183 -4.43 -36.04 -9.70
N TYR C 184 -5.25 -35.67 -8.72
CA TYR C 184 -4.87 -35.65 -7.27
C TYR C 184 -4.48 -37.05 -6.79
N GLY C 185 -5.14 -38.08 -7.32
CA GLY C 185 -4.98 -39.47 -6.90
C GLY C 185 -3.57 -39.98 -7.14
N ASP C 186 -2.89 -39.45 -8.17
CA ASP C 186 -1.56 -39.92 -8.65
C ASP C 186 -0.47 -39.80 -7.57
N PHE C 187 -0.74 -39.10 -6.47
CA PHE C 187 0.28 -38.80 -5.43
C PHE C 187 0.00 -39.63 -4.17
N LYS C 188 0.97 -40.50 -3.87
CA LYS C 188 0.90 -41.51 -2.79
C LYS C 188 2.20 -41.43 -2.00
N ASP C 189 2.10 -41.47 -0.67
CA ASP C 189 3.24 -41.29 0.25
C ASP C 189 4.06 -42.60 0.28
N GLU C 190 5.05 -42.67 1.17
CA GLU C 190 6.00 -43.81 1.40
C GLU C 190 5.23 -45.15 1.49
N ASN C 191 4.03 -45.17 2.10
CA ASN C 191 3.20 -46.41 2.24
C ASN C 191 2.55 -46.78 0.90
N GLY C 192 2.03 -45.78 0.17
CA GLY C 192 1.10 -45.96 -0.97
C GLY C 192 -0.26 -45.32 -0.68
N ARG C 193 -0.39 -44.65 0.46
CA ARG C 193 -1.61 -43.90 0.87
C ARG C 193 -1.72 -42.61 0.03
N LYS C 194 -2.84 -42.42 -0.67
CA LYS C 194 -3.21 -41.15 -1.37
C LYS C 194 -2.92 -39.95 -0.46
N ILE C 195 -2.17 -38.96 -0.97
CA ILE C 195 -1.75 -37.74 -0.21
C ILE C 195 -2.82 -36.66 -0.37
N TYR C 196 -3.45 -36.60 -1.54
CA TYR C 196 -4.61 -35.74 -1.84
C TYR C 196 -5.83 -36.64 -2.00
N ASP C 197 -6.44 -36.99 -0.88
CA ASP C 197 -7.72 -37.72 -0.83
C ASP C 197 -8.83 -36.68 -1.04
N THR C 198 -8.97 -36.20 -2.27
CA THR C 198 -10.00 -35.20 -2.69
C THR C 198 -11.36 -35.91 -2.81
N LYS C 199 -12.42 -35.27 -2.33
CA LYS C 199 -13.81 -35.77 -2.51
C LYS C 199 -14.34 -35.25 -3.86
N SER C 200 -14.93 -36.15 -4.66
CA SER C 200 -15.52 -35.82 -5.99
C SER C 200 -16.46 -34.63 -5.84
N PRO C 201 -16.66 -33.79 -6.89
CA PRO C 201 -16.21 -34.10 -8.25
C PRO C 201 -14.84 -33.55 -8.68
N HIS C 202 -13.99 -33.17 -7.71
CA HIS C 202 -12.67 -32.51 -7.95
C HIS C 202 -11.58 -33.57 -8.06
N ASP C 203 -11.54 -34.28 -9.19
CA ASP C 203 -10.67 -35.46 -9.41
C ASP C 203 -9.32 -35.02 -9.99
N TYR C 204 -9.17 -33.72 -10.34
CA TYR C 204 -7.91 -33.19 -10.92
C TYR C 204 -7.82 -31.66 -10.80
N TYR C 205 -6.58 -31.17 -10.91
CA TYR C 205 -6.18 -29.74 -10.84
C TYR C 205 -5.65 -29.32 -12.21
N LYS C 206 -6.19 -28.24 -12.75
CA LYS C 206 -5.81 -27.71 -14.06
C LYS C 206 -5.21 -26.32 -13.88
N VAL C 207 -4.01 -26.13 -14.42
CA VAL C 207 -3.47 -24.78 -14.73
C VAL C 207 -4.10 -24.36 -16.06
N MET C 208 -4.76 -23.21 -16.07
CA MET C 208 -5.54 -22.71 -17.22
C MET C 208 -5.13 -21.27 -17.50
N THR C 209 -5.29 -20.86 -18.76
CA THR C 209 -4.59 -19.71 -19.35
C THR C 209 -5.47 -19.06 -20.42
N LYS C 210 -5.36 -17.75 -20.58
CA LYS C 210 -5.93 -17.03 -21.74
C LYS C 210 -5.01 -15.89 -22.12
N VAL C 211 -4.90 -15.61 -23.41
CA VAL C 211 -4.04 -14.53 -23.99
C VAL C 211 -4.93 -13.32 -24.31
N VAL C 212 -4.52 -12.12 -23.89
CA VAL C 212 -5.41 -10.92 -23.77
C VAL C 212 -4.82 -9.74 -24.59
N SER C 213 -5.12 -8.47 -24.22
CA SER C 213 -4.88 -7.26 -25.05
C SER C 213 -4.25 -6.10 -24.24
N MET D 1 52.53 -14.23 -4.85
CA MET D 1 51.07 -13.93 -5.10
C MET D 1 50.19 -14.92 -4.32
N GLU D 2 49.33 -14.42 -3.43
CA GLU D 2 48.46 -15.24 -2.54
C GLU D 2 46.98 -14.99 -2.88
N TYR D 3 46.25 -16.08 -3.15
CA TYR D 3 44.84 -16.08 -3.62
C TYR D 3 43.92 -16.60 -2.50
N GLY D 4 43.08 -15.72 -1.94
CA GLY D 4 42.16 -16.09 -0.84
C GLY D 4 40.86 -15.30 -0.87
N PRO D 5 39.88 -15.66 0.00
CA PRO D 5 38.63 -14.91 0.15
C PRO D 5 38.81 -13.41 0.50
N ILE D 6 37.71 -12.65 0.47
CA ILE D 6 37.71 -11.17 0.71
C ILE D 6 36.90 -10.87 1.97
N PRO D 7 37.57 -10.63 3.13
CA PRO D 7 36.87 -10.24 4.36
C PRO D 7 36.11 -8.91 4.20
N SER D 8 34.98 -8.81 4.90
CA SER D 8 34.13 -7.59 4.99
C SER D 8 35.02 -6.34 5.17
N SER D 9 36.10 -6.47 5.94
CA SER D 9 37.07 -5.39 6.29
C SER D 9 37.65 -4.73 5.04
N LYS D 10 37.95 -5.50 3.99
CA LYS D 10 38.77 -5.07 2.83
C LYS D 10 37.91 -4.59 1.67
N PHE D 11 36.69 -4.12 1.91
CA PHE D 11 35.70 -3.84 0.84
C PHE D 11 35.99 -2.48 0.17
N THR D 12 36.47 -1.49 0.92
CA THR D 12 36.82 -0.15 0.39
C THR D 12 38.25 -0.19 -0.13
N ASP D 13 39.11 -1.00 0.50
CA ASP D 13 40.37 -1.50 -0.12
C ASP D 13 40.07 -1.84 -1.58
N VAL D 14 39.04 -2.65 -1.81
CA VAL D 14 38.67 -3.18 -3.16
C VAL D 14 38.12 -2.04 -4.02
N ILE D 15 37.23 -1.20 -3.48
CA ILE D 15 36.59 -0.10 -4.26
C ILE D 15 37.69 0.87 -4.71
N HIS D 16 38.59 1.24 -3.80
CA HIS D 16 39.72 2.16 -4.11
C HIS D 16 40.64 1.50 -5.14
N HIS D 17 40.76 0.16 -5.12
CA HIS D 17 41.47 -0.61 -6.18
C HIS D 17 40.74 -0.44 -7.51
N LEU D 18 39.41 -0.59 -7.51
CA LEU D 18 38.59 -0.58 -8.74
C LEU D 18 38.58 0.85 -9.30
N ARG D 19 38.50 1.86 -8.43
CA ARG D 19 38.50 3.27 -8.85
C ARG D 19 39.78 3.55 -9.66
N HIS D 20 40.93 3.03 -9.19
CA HIS D 20 42.29 3.38 -9.69
C HIS D 20 42.68 2.52 -10.92
N ASN D 21 41.80 1.61 -11.39
CA ASN D 21 42.17 0.55 -12.38
C ASN D 21 41.03 0.30 -13.39
N PHE D 22 39.90 -0.23 -12.94
CA PHE D 22 38.82 -0.79 -13.80
C PHE D 22 38.31 0.22 -14.84
N PRO D 23 38.29 1.53 -14.57
CA PRO D 23 37.85 2.52 -15.56
C PRO D 23 38.31 2.30 -17.01
N ASP D 24 39.45 1.64 -17.23
CA ASP D 24 39.99 1.39 -18.61
C ASP D 24 39.45 0.06 -19.15
N GLU D 25 38.34 -0.43 -18.61
CA GLU D 25 37.53 -1.52 -19.23
C GLU D 25 37.07 -1.05 -20.61
N PRO D 26 37.20 -1.90 -21.66
CA PRO D 26 36.85 -1.53 -23.03
C PRO D 26 35.49 -0.89 -23.32
N LEU D 27 34.41 -1.45 -22.77
CA LEU D 27 33.03 -0.92 -22.98
C LEU D 27 32.91 0.43 -22.27
N ASN D 28 33.13 0.44 -20.95
CA ASN D 28 33.32 1.65 -20.11
C ASN D 28 33.95 2.76 -20.96
N ALA D 29 35.12 2.47 -21.54
CA ALA D 29 35.95 3.44 -22.31
C ALA D 29 35.15 4.03 -23.47
N SER D 30 34.45 3.18 -24.24
CA SER D 30 33.80 3.56 -25.53
C SER D 30 32.54 4.43 -25.28
N VAL D 31 32.16 4.65 -24.01
CA VAL D 31 31.01 5.53 -23.62
C VAL D 31 31.48 6.52 -22.55
N GLY D 32 32.38 6.11 -21.65
CA GLY D 32 33.13 6.97 -20.72
C GLY D 32 32.33 7.29 -19.47
N LEU D 33 31.94 6.27 -18.71
CA LEU D 33 31.13 6.44 -17.47
C LEU D 33 32.04 6.85 -16.31
N CYS D 34 33.01 5.99 -15.95
CA CYS D 34 33.89 6.12 -14.75
C CYS D 34 35.34 6.42 -15.17
N VAL D 35 36.06 7.21 -14.37
CA VAL D 35 37.44 7.71 -14.66
C VAL D 35 38.31 7.50 -13.40
N HIS D 36 39.65 7.43 -13.54
CA HIS D 36 40.64 7.03 -12.50
C HIS D 36 40.41 7.80 -11.18
N GLY D 37 40.64 7.12 -10.05
CA GLY D 37 40.79 7.69 -8.69
C GLY D 37 39.48 8.19 -8.12
N LYS D 38 38.70 8.90 -8.93
CA LYS D 38 37.45 9.57 -8.50
C LYS D 38 36.33 8.56 -8.57
N PRO D 39 35.37 8.60 -7.61
CA PRO D 39 34.37 7.55 -7.48
C PRO D 39 33.39 7.52 -8.67
N CYS D 40 32.84 6.33 -8.89
CA CYS D 40 31.72 6.03 -9.83
C CYS D 40 30.65 5.27 -9.03
N GLU D 41 29.92 5.98 -8.17
CA GLU D 41 29.09 5.41 -7.06
C GLU D 41 27.92 4.58 -7.60
N LEU D 42 27.67 4.63 -8.92
CA LEU D 42 26.55 3.92 -9.60
C LEU D 42 26.82 2.41 -9.57
N LEU D 43 27.88 1.98 -10.26
CA LEU D 43 28.39 0.59 -10.27
C LEU D 43 28.75 0.16 -8.85
N GLU D 44 29.54 0.98 -8.15
CA GLU D 44 30.13 0.66 -6.82
C GLU D 44 29.06 0.03 -5.91
N HIS D 45 27.79 0.40 -6.09
CA HIS D 45 26.64 -0.18 -5.34
C HIS D 45 26.41 -1.64 -5.77
N HIS D 46 26.20 -1.88 -7.06
CA HIS D 46 26.10 -3.24 -7.67
C HIS D 46 27.22 -4.12 -7.12
N ASP D 47 28.44 -3.59 -7.17
CA ASP D 47 29.70 -4.31 -6.84
C ASP D 47 29.65 -4.68 -5.36
N LEU D 48 29.18 -3.74 -4.52
CA LEU D 48 29.04 -3.93 -3.05
C LEU D 48 28.15 -5.13 -2.76
N GLN D 49 27.03 -5.26 -3.48
CA GLN D 49 26.03 -6.37 -3.31
C GLN D 49 26.63 -7.69 -3.77
N THR D 50 27.25 -7.71 -4.96
CA THR D 50 27.95 -8.88 -5.51
C THR D 50 28.95 -9.39 -4.46
N LEU D 51 29.63 -8.47 -3.78
CA LEU D 51 30.65 -8.82 -2.75
C LEU D 51 29.95 -9.50 -1.57
N GLU D 52 28.74 -9.04 -1.21
CA GLU D 52 27.97 -9.58 -0.05
C GLU D 52 27.52 -11.02 -0.33
N ASP D 53 27.47 -11.46 -1.60
CA ASP D 53 27.20 -12.88 -1.96
C ASP D 53 28.33 -13.75 -1.39
N GLY D 54 29.51 -13.15 -1.22
CA GLY D 54 30.69 -13.73 -0.56
C GLY D 54 31.27 -14.89 -1.34
N LEU D 55 31.41 -14.76 -2.66
CA LEU D 55 32.02 -15.80 -3.53
C LEU D 55 33.28 -15.26 -4.19
N SER D 56 33.55 -13.97 -4.02
CA SER D 56 34.56 -13.19 -4.76
C SER D 56 35.97 -13.46 -4.22
N ILE D 57 36.97 -13.50 -5.11
CA ILE D 57 38.39 -13.85 -4.79
C ILE D 57 39.26 -12.60 -4.95
N MET D 58 40.34 -12.48 -4.16
CA MET D 58 41.37 -11.43 -4.35
C MET D 58 42.77 -12.05 -4.36
N ALA D 59 43.66 -11.43 -5.14
CA ALA D 59 45.13 -11.66 -5.14
C ALA D 59 45.83 -10.50 -4.42
N VAL D 60 46.54 -10.79 -3.33
CA VAL D 60 47.34 -9.79 -2.56
C VAL D 60 48.82 -10.03 -2.85
N GLU D 61 49.62 -8.96 -2.95
CA GLU D 61 51.09 -9.04 -3.17
C GLU D 61 51.73 -9.66 -1.92
N SER D 62 52.32 -10.84 -2.08
CA SER D 62 52.94 -11.62 -0.98
C SER D 62 53.55 -10.64 0.03
N THR D 63 54.56 -9.87 -0.42
CA THR D 63 55.48 -9.05 0.42
C THR D 63 54.79 -7.75 0.85
N THR D 64 54.31 -6.96 -0.10
CA THR D 64 53.87 -5.56 0.13
C THR D 64 52.47 -5.53 0.76
N GLY D 65 51.70 -6.62 0.64
CA GLY D 65 50.34 -6.73 1.21
C GLY D 65 49.31 -5.85 0.49
N GLU D 66 49.63 -5.38 -0.72
CA GLU D 66 48.76 -4.47 -1.53
C GLU D 66 47.83 -5.31 -2.41
N ILE D 67 46.64 -4.78 -2.72
CA ILE D 67 45.56 -5.49 -3.48
C ILE D 67 45.96 -5.51 -4.95
N ALA D 68 46.32 -6.69 -5.47
CA ALA D 68 46.90 -6.90 -6.82
C ALA D 68 45.79 -7.07 -7.86
N GLY D 69 44.78 -7.87 -7.53
CA GLY D 69 43.64 -8.14 -8.42
C GLY D 69 42.49 -8.79 -7.68
N VAL D 70 41.29 -8.75 -8.27
CA VAL D 70 40.04 -9.31 -7.68
C VAL D 70 39.17 -9.90 -8.79
N ALA D 71 38.41 -10.94 -8.46
CA ALA D 71 37.31 -11.50 -9.29
C ALA D 71 36.01 -11.47 -8.49
N LEU D 72 35.13 -10.53 -8.82
CA LEU D 72 33.80 -10.37 -8.17
C LEU D 72 32.81 -11.35 -8.80
N ASN D 73 32.37 -12.31 -7.99
CA ASN D 73 31.46 -13.41 -8.40
C ASN D 73 30.12 -13.21 -7.68
N GLY D 74 29.03 -13.22 -8.44
CA GLY D 74 27.65 -13.10 -7.93
C GLY D 74 26.74 -14.20 -8.44
N ILE D 75 25.64 -14.47 -7.72
CA ILE D 75 24.63 -15.51 -8.07
C ILE D 75 23.53 -14.81 -8.88
N ALA D 76 23.41 -15.15 -10.17
CA ALA D 76 22.33 -14.69 -11.05
C ALA D 76 21.16 -15.67 -10.97
N ARG D 77 19.94 -15.17 -10.79
CA ARG D 77 18.67 -15.95 -10.73
C ARG D 77 17.71 -15.47 -11.82
N ARG D 78 16.82 -16.37 -12.25
CA ARG D 78 15.69 -16.07 -13.17
C ARG D 78 14.99 -14.80 -12.72
N GLY D 79 14.67 -13.92 -13.66
CA GLY D 79 13.99 -12.63 -13.40
C GLY D 79 14.96 -11.51 -13.13
N ASP D 80 16.10 -11.78 -12.49
CA ASP D 80 17.14 -10.78 -12.13
C ASP D 80 17.30 -9.78 -13.30
N VAL D 81 17.41 -10.30 -14.53
CA VAL D 81 17.70 -9.50 -15.75
C VAL D 81 16.58 -8.49 -15.96
N GLU D 82 15.34 -8.98 -16.06
CA GLU D 82 14.15 -8.13 -16.31
C GLU D 82 14.05 -7.04 -15.22
N LYS D 83 14.19 -7.44 -13.96
CA LYS D 83 14.09 -6.46 -12.81
C LYS D 83 15.10 -5.34 -13.04
N ALA D 84 16.30 -5.70 -13.54
CA ALA D 84 17.41 -4.77 -13.83
C ALA D 84 17.04 -3.87 -15.01
N LEU D 85 16.20 -4.35 -15.93
CA LEU D 85 15.77 -3.56 -17.11
C LEU D 85 14.63 -2.61 -16.72
N GLU D 86 13.71 -3.05 -15.87
CA GLU D 86 12.59 -2.23 -15.33
C GLU D 86 13.19 -1.10 -14.47
N GLU D 87 14.14 -1.45 -13.60
N GLU D 87 14.15 -1.44 -13.60
CA GLU D 87 14.79 -0.51 -12.65
CA GLU D 87 14.78 -0.50 -12.65
C GLU D 87 15.67 0.48 -13.42
C GLU D 87 15.68 0.48 -13.40
N MET D 88 16.12 0.08 -14.60
CA MET D 88 17.02 0.89 -15.46
C MET D 88 16.25 2.04 -16.10
N LYS D 89 14.96 1.83 -16.38
CA LYS D 89 14.05 2.85 -16.96
C LYS D 89 14.03 4.10 -16.06
N SER D 90 13.84 3.92 -14.75
CA SER D 90 13.70 5.01 -13.75
C SER D 90 15.02 5.77 -13.57
N ILE D 91 16.16 5.10 -13.72
CA ILE D 91 17.53 5.71 -13.78
C ILE D 91 17.61 6.47 -15.11
N ASP D 92 18.15 7.69 -15.17
CA ASP D 92 18.12 8.48 -16.45
C ASP D 92 19.54 9.01 -16.72
N ASN D 93 20.53 8.12 -16.63
CA ASN D 93 21.94 8.37 -17.05
C ASN D 93 22.16 7.65 -18.39
N ILE D 94 22.34 8.41 -19.47
CA ILE D 94 22.22 7.92 -20.87
C ILE D 94 23.39 6.98 -21.17
N LYS D 95 24.57 7.23 -20.58
CA LYS D 95 25.77 6.38 -20.74
C LYS D 95 25.47 5.00 -20.13
N TYR D 96 24.93 5.02 -18.90
CA TYR D 96 24.62 3.82 -18.09
C TYR D 96 23.64 2.93 -18.85
N GLN D 97 22.61 3.53 -19.44
CA GLN D 97 21.65 2.82 -20.33
C GLN D 97 22.43 2.10 -21.42
N ARG D 98 23.39 2.77 -22.06
CA ARG D 98 24.09 2.26 -23.25
C ARG D 98 24.96 1.06 -22.86
N ILE D 99 25.70 1.14 -21.75
CA ILE D 99 26.46 -0.02 -21.20
C ILE D 99 25.45 -1.15 -20.88
N PHE D 100 24.67 -0.99 -19.82
CA PHE D 100 23.94 -2.09 -19.16
C PHE D 100 22.71 -2.49 -19.99
N GLY D 101 22.24 -1.60 -20.85
CA GLY D 101 21.20 -1.92 -21.84
C GLY D 101 21.66 -3.04 -22.74
N LEU D 102 22.90 -2.94 -23.21
CA LEU D 102 23.58 -3.96 -24.06
C LEU D 102 23.73 -5.27 -23.26
N LEU D 103 24.38 -5.18 -22.10
CA LEU D 103 24.65 -6.36 -21.25
C LEU D 103 23.33 -7.10 -20.99
N ASN D 104 22.33 -6.43 -20.42
CA ASN D 104 21.10 -7.09 -19.91
C ASN D 104 20.24 -7.55 -21.10
N ASN D 105 20.17 -6.78 -22.20
CA ASN D 105 19.46 -7.22 -23.42
C ASN D 105 20.10 -8.52 -23.91
N VAL D 106 21.36 -8.46 -24.32
CA VAL D 106 22.15 -9.62 -24.83
C VAL D 106 21.86 -10.83 -23.92
N ASN D 107 22.09 -10.67 -22.62
CA ASN D 107 21.92 -11.76 -21.63
C ASN D 107 20.49 -12.28 -21.73
N LYS D 108 19.52 -11.39 -21.67
CA LYS D 108 18.08 -11.76 -21.78
C LYS D 108 17.85 -12.54 -23.07
N SER D 109 18.31 -12.02 -24.21
CA SER D 109 18.11 -12.58 -25.57
C SER D 109 18.56 -14.03 -25.67
N ILE D 110 19.33 -14.55 -24.70
CA ILE D 110 19.63 -16.01 -24.58
C ILE D 110 19.28 -16.47 -23.16
N ASP D 111 18.10 -17.06 -22.99
CA ASP D 111 17.69 -17.66 -21.70
C ASP D 111 18.67 -18.80 -21.43
N LEU D 112 19.74 -18.53 -20.68
CA LEU D 112 20.75 -19.55 -20.31
C LEU D 112 20.12 -20.48 -19.28
N PHE D 113 19.30 -19.92 -18.38
CA PHE D 113 18.54 -20.66 -17.34
C PHE D 113 17.75 -21.77 -18.01
N THR D 114 17.05 -21.45 -19.10
CA THR D 114 16.25 -22.43 -19.87
C THR D 114 17.20 -23.33 -20.64
N LYS D 115 18.23 -22.78 -21.29
CA LYS D 115 19.17 -23.52 -22.16
C LYS D 115 19.75 -24.71 -21.39
N TYR D 116 20.17 -24.50 -20.15
CA TYR D 116 20.92 -25.50 -19.33
C TYR D 116 20.05 -26.00 -18.18
N ASN D 117 18.80 -25.52 -18.10
CA ASN D 117 17.81 -25.95 -17.10
C ASN D 117 18.40 -25.80 -15.70
N VAL D 118 18.58 -24.55 -15.26
CA VAL D 118 19.20 -24.20 -13.96
C VAL D 118 18.44 -23.00 -13.38
N ASP D 119 18.47 -22.83 -12.06
CA ASP D 119 17.71 -21.78 -11.32
C ASP D 119 18.66 -20.67 -10.86
N LYS D 120 19.95 -20.99 -10.70
CA LYS D 120 21.03 -20.04 -10.32
C LYS D 120 22.19 -20.20 -11.30
N ILE D 121 22.95 -19.12 -11.55
CA ILE D 121 24.18 -19.12 -12.41
C ILE D 121 25.30 -18.37 -11.70
N PHE D 122 26.48 -18.96 -11.66
CA PHE D 122 27.74 -18.35 -11.16
C PHE D 122 28.26 -17.40 -12.23
N GLU D 123 28.49 -16.16 -11.82
CA GLU D 123 28.70 -15.05 -12.75
C GLU D 123 29.99 -14.34 -12.33
N LEU D 124 31.11 -14.67 -12.99
CA LEU D 124 32.33 -13.83 -12.89
C LEU D 124 31.99 -12.50 -13.56
N ARG D 125 31.62 -11.51 -12.76
CA ARG D 125 30.94 -10.27 -13.20
C ARG D 125 31.99 -9.19 -13.48
N ILE D 126 32.98 -9.07 -12.61
CA ILE D 126 33.98 -7.97 -12.62
C ILE D 126 35.37 -8.54 -12.31
N LEU D 127 36.30 -8.35 -13.25
CA LEU D 127 37.67 -8.94 -13.22
C LEU D 127 38.70 -7.82 -13.39
N SER D 128 39.42 -7.49 -12.31
CA SER D 128 40.39 -6.36 -12.23
C SER D 128 41.77 -6.87 -11.75
N VAL D 129 42.81 -6.57 -12.54
CA VAL D 129 44.24 -6.70 -12.15
C VAL D 129 44.89 -5.32 -12.29
N ASP D 130 45.44 -4.79 -11.19
CA ASP D 130 46.07 -3.44 -11.08
C ASP D 130 47.00 -3.22 -12.28
N SER D 131 47.06 -1.98 -12.78
CA SER D 131 47.93 -1.53 -13.91
C SER D 131 49.37 -2.04 -13.68
N ARG D 132 49.88 -1.84 -12.45
CA ARG D 132 51.24 -2.23 -11.99
C ARG D 132 51.50 -3.72 -12.31
N PHE D 133 50.57 -4.61 -11.90
CA PHE D 133 50.75 -6.09 -11.79
C PHE D 133 50.18 -6.83 -13.01
N ARG D 134 49.73 -6.06 -14.01
CA ARG D 134 48.97 -6.58 -15.18
C ARG D 134 49.93 -7.26 -16.16
N GLY D 135 49.59 -8.45 -16.63
CA GLY D 135 50.36 -9.18 -17.65
C GLY D 135 51.09 -10.38 -17.06
N ARG D 136 51.01 -10.58 -15.74
CA ARG D 136 51.75 -11.65 -15.03
C ARG D 136 50.86 -12.90 -14.89
N GLY D 137 49.82 -13.03 -15.70
CA GLY D 137 48.93 -14.21 -15.72
C GLY D 137 48.06 -14.33 -14.46
N ILE D 138 47.79 -13.21 -13.78
CA ILE D 138 47.05 -13.20 -12.48
C ILE D 138 45.55 -13.39 -12.75
N ALA D 139 45.00 -12.71 -13.75
CA ALA D 139 43.59 -12.85 -14.17
C ALA D 139 43.30 -14.33 -14.45
N LYS D 140 44.07 -14.94 -15.35
CA LYS D 140 43.93 -16.38 -15.69
C LYS D 140 43.82 -17.19 -14.40
N GLU D 141 44.55 -16.77 -13.35
CA GLU D 141 44.58 -17.50 -12.07
C GLU D 141 43.25 -17.27 -11.34
N LEU D 142 42.84 -16.01 -11.23
CA LEU D 142 41.57 -15.59 -10.56
C LEU D 142 40.40 -16.35 -11.17
N PHE D 143 40.31 -16.32 -12.50
CA PHE D 143 39.31 -17.07 -13.30
C PHE D 143 39.27 -18.54 -12.84
N LEU D 144 40.38 -19.27 -13.03
CA LEU D 144 40.50 -20.69 -12.61
C LEU D 144 39.98 -20.83 -11.18
N ARG D 145 40.42 -19.96 -10.26
CA ARG D 145 40.09 -20.01 -8.81
C ARG D 145 38.59 -19.78 -8.63
N SER D 146 38.00 -18.92 -9.48
CA SER D 146 36.56 -18.58 -9.45
C SER D 146 35.75 -19.81 -9.88
N GLU D 147 36.15 -20.45 -10.98
CA GLU D 147 35.51 -21.70 -11.48
C GLU D 147 35.40 -22.69 -10.32
N LEU D 148 36.44 -22.79 -9.48
CA LEU D 148 36.54 -23.85 -8.44
C LEU D 148 35.69 -23.48 -7.23
N ILE D 149 35.54 -22.19 -6.95
CA ILE D 149 34.60 -21.68 -5.91
C ILE D 149 33.18 -22.11 -6.33
N ALA D 150 32.88 -22.06 -7.63
CA ALA D 150 31.57 -22.45 -8.19
C ALA D 150 31.31 -23.92 -7.85
N GLU D 151 32.27 -24.80 -8.18
CA GLU D 151 32.13 -26.27 -7.98
C GLU D 151 31.94 -26.58 -6.50
N GLU D 152 32.66 -25.88 -5.61
CA GLU D 152 32.57 -26.07 -4.14
C GLU D 152 31.18 -25.67 -3.63
N HIS D 153 30.57 -24.64 -4.22
CA HIS D 153 29.23 -24.11 -3.81
C HIS D 153 28.14 -24.75 -4.67
N GLY D 154 28.46 -25.84 -5.37
CA GLY D 154 27.48 -26.72 -6.01
C GLY D 154 26.72 -26.04 -7.12
N PHE D 155 27.36 -25.09 -7.82
CA PHE D 155 26.85 -24.48 -9.07
C PHE D 155 27.08 -25.46 -10.22
N LYS D 156 26.35 -25.29 -11.33
CA LYS D 156 26.36 -26.20 -12.51
C LYS D 156 26.84 -25.45 -13.76
N LEU D 157 26.61 -24.14 -13.85
CA LEU D 157 27.01 -23.27 -15.00
C LEU D 157 27.72 -22.02 -14.49
N VAL D 158 28.91 -21.74 -15.04
CA VAL D 158 29.63 -20.46 -14.82
C VAL D 158 29.50 -19.66 -16.11
N LYS D 159 29.29 -18.35 -15.97
CA LYS D 159 29.08 -17.42 -17.11
C LYS D 159 29.86 -16.14 -16.86
N VAL D 160 30.32 -15.50 -17.93
CA VAL D 160 31.15 -14.26 -17.88
C VAL D 160 30.78 -13.34 -19.05
N ASP D 161 30.49 -12.07 -18.74
CA ASP D 161 30.29 -11.01 -19.76
C ASP D 161 31.67 -10.55 -20.21
N ALA D 162 32.24 -11.22 -21.20
CA ALA D 162 33.66 -11.06 -21.58
C ALA D 162 33.80 -9.93 -22.57
N THR D 163 33.90 -8.70 -22.05
CA THR D 163 33.96 -7.44 -22.83
C THR D 163 35.38 -7.20 -23.35
N SER D 164 36.37 -7.48 -22.49
CA SER D 164 37.81 -7.56 -22.82
C SER D 164 38.07 -8.83 -23.62
N LEU D 165 38.93 -8.75 -24.62
CA LEU D 165 39.38 -9.91 -25.43
C LEU D 165 40.45 -10.69 -24.64
N PHE D 166 41.16 -10.02 -23.72
CA PHE D 166 42.05 -10.70 -22.74
C PHE D 166 41.23 -11.64 -21.85
N THR D 167 40.06 -11.19 -21.41
CA THR D 167 39.07 -12.01 -20.63
C THR D 167 38.54 -13.17 -21.48
N GLN D 168 38.31 -12.95 -22.77
CA GLN D 168 37.87 -14.02 -23.72
C GLN D 168 38.96 -15.10 -23.76
N ARG D 169 40.22 -14.69 -23.82
CA ARG D 169 41.38 -15.58 -23.96
C ARG D 169 41.49 -16.46 -22.71
N ALA D 170 41.44 -15.85 -21.53
CA ALA D 170 41.44 -16.58 -20.24
C ALA D 170 40.34 -17.64 -20.29
N ALA D 171 39.16 -17.25 -20.74
CA ALA D 171 37.97 -18.12 -20.83
C ALA D 171 38.27 -19.25 -21.82
N GLU D 172 38.75 -18.93 -23.01
CA GLU D 172 39.16 -19.95 -24.01
C GLU D 172 40.08 -20.97 -23.32
N CYS D 173 41.04 -20.48 -22.52
CA CYS D 173 42.08 -21.31 -21.89
C CYS D 173 41.47 -22.34 -20.93
N LEU D 174 40.43 -21.95 -20.19
CA LEU D 174 39.75 -22.85 -19.21
C LEU D 174 38.62 -23.63 -19.90
N GLY D 175 38.46 -23.44 -21.22
CA GLY D 175 37.57 -24.26 -22.07
C GLY D 175 36.13 -23.75 -22.09
N PHE D 176 35.96 -22.44 -21.91
CA PHE D 176 34.63 -21.79 -21.98
C PHE D 176 34.15 -21.78 -23.43
N ILE D 177 32.84 -21.86 -23.61
CA ILE D 177 32.11 -21.85 -24.91
C ILE D 177 31.51 -20.46 -25.10
N THR D 178 31.51 -19.93 -26.33
CA THR D 178 30.83 -18.66 -26.67
C THR D 178 29.35 -18.94 -26.93
N GLU D 179 28.49 -18.39 -26.08
CA GLU D 179 27.01 -18.48 -26.16
C GLU D 179 26.50 -17.50 -27.21
N LYS D 180 26.88 -16.22 -27.06
CA LYS D 180 26.50 -15.13 -27.98
C LYS D 180 27.73 -14.30 -28.31
N CYS D 181 27.94 -14.01 -29.59
CA CYS D 181 28.97 -13.07 -30.07
C CYS D 181 28.30 -11.87 -30.75
N VAL D 182 28.72 -10.65 -30.38
CA VAL D 182 28.12 -9.36 -30.84
C VAL D 182 29.22 -8.32 -31.00
N THR D 183 29.31 -7.74 -32.20
CA THR D 183 30.23 -6.65 -32.59
C THR D 183 29.73 -5.31 -32.05
N TYR D 184 30.60 -4.55 -31.36
CA TYR D 184 30.30 -3.21 -30.78
C TYR D 184 29.92 -2.20 -31.87
N GLY D 185 30.50 -2.36 -33.07
CA GLY D 185 30.29 -1.48 -34.22
C GLY D 185 28.83 -1.42 -34.63
N ASP D 186 28.14 -2.56 -34.56
CA ASP D 186 26.74 -2.75 -35.05
C ASP D 186 25.80 -1.66 -34.53
N PHE D 187 26.10 -1.05 -33.39
CA PHE D 187 25.18 -0.13 -32.67
C PHE D 187 25.51 1.32 -33.01
N LYS D 188 24.53 1.96 -33.64
CA LYS D 188 24.60 3.36 -34.14
C LYS D 188 23.35 4.11 -33.67
N ASP D 189 23.52 5.37 -33.26
CA ASP D 189 22.43 6.23 -32.71
C ASP D 189 21.59 6.78 -33.87
N GLU D 190 20.66 7.68 -33.55
CA GLU D 190 19.68 8.32 -34.48
C GLU D 190 20.35 8.82 -35.77
N ASN D 191 21.57 9.39 -35.71
CA ASN D 191 22.28 9.93 -36.91
C ASN D 191 23.05 8.81 -37.63
N GLY D 192 23.35 7.69 -36.97
CA GLY D 192 24.19 6.62 -37.55
C GLY D 192 25.62 6.69 -37.02
N ARG D 193 25.81 7.43 -35.93
CA ARG D 193 27.10 7.52 -35.20
C ARG D 193 27.28 6.27 -34.31
N LYS D 194 28.42 5.60 -34.41
CA LYS D 194 28.81 4.44 -33.57
C LYS D 194 28.66 4.80 -32.08
N ILE D 195 27.88 4.01 -31.33
CA ILE D 195 27.54 4.28 -29.90
C ILE D 195 28.64 3.71 -29.01
N TYR D 196 29.18 2.57 -29.42
CA TYR D 196 30.35 1.90 -28.79
C TYR D 196 31.52 2.04 -29.73
N ASP D 197 32.15 3.19 -29.68
CA ASP D 197 33.42 3.46 -30.39
C ASP D 197 34.55 2.84 -29.56
N THR D 198 34.67 1.50 -29.61
CA THR D 198 35.71 0.70 -28.91
C THR D 198 37.03 0.79 -29.69
N LYS D 199 38.15 0.96 -28.99
CA LYS D 199 39.51 0.91 -29.60
C LYS D 199 39.96 -0.55 -29.66
N SER D 200 40.50 -0.98 -30.80
CA SER D 200 41.03 -2.35 -31.03
C SER D 200 42.01 -2.68 -29.91
N PRO D 201 42.22 -3.97 -29.57
CA PRO D 201 41.65 -5.12 -30.31
C PRO D 201 40.29 -5.68 -29.84
N HIS D 202 39.48 -4.87 -29.14
CA HIS D 202 38.19 -5.25 -28.51
C HIS D 202 37.03 -4.96 -29.45
N ASP D 203 36.91 -5.69 -30.55
CA ASP D 203 35.98 -5.40 -31.66
C ASP D 203 34.62 -6.03 -31.38
N TYR D 204 34.50 -6.87 -30.34
CA TYR D 204 33.25 -7.60 -30.01
C TYR D 204 33.25 -8.06 -28.55
N TYR D 205 32.04 -8.30 -28.05
CA TYR D 205 31.71 -8.75 -26.67
C TYR D 205 31.12 -10.16 -26.77
N LYS D 206 31.68 -11.07 -26.00
CA LYS D 206 31.24 -12.49 -25.95
C LYS D 206 30.70 -12.77 -24.57
N VAL D 207 29.47 -13.27 -24.49
CA VAL D 207 28.97 -14.06 -23.32
C VAL D 207 29.56 -15.46 -23.47
N MET D 208 30.23 -15.94 -22.44
CA MET D 208 30.94 -17.23 -22.42
C MET D 208 30.56 -18.00 -21.14
N THR D 209 30.73 -19.31 -21.19
CA THR D 209 30.00 -20.28 -20.34
C THR D 209 30.84 -21.54 -20.20
N LYS D 210 30.74 -22.22 -19.07
CA LYS D 210 31.29 -23.58 -18.91
C LYS D 210 30.43 -24.33 -17.90
N VAL D 211 30.24 -25.61 -18.13
CA VAL D 211 29.40 -26.50 -17.27
C VAL D 211 30.35 -27.24 -16.32
N VAL D 212 30.02 -27.30 -15.03
CA VAL D 212 30.95 -27.69 -13.93
C VAL D 212 30.36 -28.87 -13.12
N SER D 213 30.83 -29.10 -11.88
CA SER D 213 30.55 -30.30 -11.03
C SER D 213 29.99 -29.91 -9.65
N MET E 1 -6.89 19.42 32.17
CA MET E 1 -8.23 19.84 31.65
C MET E 1 -8.96 18.66 31.00
N GLU E 2 -10.09 18.23 31.56
CA GLU E 2 -10.82 17.01 31.11
C GLU E 2 -12.22 17.39 30.61
N TYR E 3 -12.53 17.01 29.37
CA TYR E 3 -13.76 17.39 28.63
C TYR E 3 -14.68 16.16 28.49
N GLY E 4 -15.85 16.18 29.11
CA GLY E 4 -16.82 15.07 29.06
C GLY E 4 -18.27 15.53 29.18
N PRO E 5 -19.26 14.61 29.00
CA PRO E 5 -20.68 14.89 29.24
C PRO E 5 -21.00 15.44 30.64
N ILE E 6 -22.25 15.89 30.83
CA ILE E 6 -22.74 16.50 32.12
C ILE E 6 -23.82 15.60 32.71
N PRO E 7 -23.49 14.78 33.74
CA PRO E 7 -24.50 13.94 34.39
C PRO E 7 -25.59 14.78 35.07
N SER E 8 -26.79 14.19 35.21
CA SER E 8 -27.98 14.78 35.86
C SER E 8 -27.58 15.35 37.24
N SER E 9 -26.67 14.65 37.93
CA SER E 9 -26.17 14.98 39.28
C SER E 9 -25.58 16.40 39.31
N LYS E 10 -24.87 16.81 38.25
CA LYS E 10 -23.97 18.00 38.25
C LYS E 10 -24.73 19.27 37.82
N PHE E 11 -26.06 19.26 37.77
CA PHE E 11 -26.83 20.35 37.11
C PHE E 11 -26.81 21.63 37.96
N THR E 12 -26.86 21.52 39.29
CA THR E 12 -26.82 22.71 40.19
C THR E 12 -25.36 23.11 40.44
N ASP E 13 -24.40 22.19 40.27
CA ASP E 13 -22.98 22.55 40.08
C ASP E 13 -22.91 23.61 38.97
N VAL E 14 -23.50 23.29 37.82
CA VAL E 14 -23.45 24.11 36.58
C VAL E 14 -24.18 25.44 36.81
N ILE E 15 -25.32 25.44 37.50
CA ILE E 15 -26.11 26.68 37.76
C ILE E 15 -25.27 27.59 38.66
N HIS E 16 -24.72 27.03 39.75
CA HIS E 16 -23.90 27.79 40.72
C HIS E 16 -22.63 28.30 40.02
N HIS E 17 -22.14 27.55 39.03
CA HIS E 17 -21.07 28.00 38.10
C HIS E 17 -21.55 29.21 37.31
N LEU E 18 -22.74 29.10 36.70
CA LEU E 18 -23.27 30.13 35.79
C LEU E 18 -23.55 31.41 36.58
N ARG E 19 -24.15 31.28 37.77
CA ARG E 19 -24.48 32.42 38.65
C ARG E 19 -23.21 33.25 38.88
N HIS E 20 -22.09 32.59 39.18
CA HIS E 20 -20.84 33.23 39.67
C HIS E 20 -20.00 33.78 38.50
N ASN E 21 -20.37 33.51 37.25
CA ASN E 21 -19.53 33.79 36.05
C ASN E 21 -20.34 34.47 34.95
N PHE E 22 -21.37 33.82 34.42
CA PHE E 22 -22.03 34.21 33.15
C PHE E 22 -22.57 35.65 33.19
N PRO E 23 -23.01 36.20 34.35
CA PRO E 23 -23.57 37.55 34.40
C PRO E 23 -22.79 38.68 33.69
N ASP E 24 -21.49 38.53 33.46
CA ASP E 24 -20.66 39.55 32.75
C ASP E 24 -20.62 39.24 31.25
N GLU E 25 -21.62 38.52 30.75
CA GLU E 25 -21.92 38.42 29.30
C GLU E 25 -22.24 39.81 28.78
N PRO E 26 -21.65 40.21 27.63
CA PRO E 26 -21.79 41.54 27.07
C PRO E 26 -23.20 42.14 26.93
N LEU E 27 -24.15 41.38 26.40
CA LEU E 27 -25.54 41.84 26.20
C LEU E 27 -26.21 42.00 27.56
N ASN E 28 -26.23 40.91 28.33
CA ASN E 28 -26.65 40.88 29.76
C ASN E 28 -26.18 42.17 30.42
N ALA E 29 -24.89 42.49 30.32
CA ALA E 29 -24.23 43.66 30.95
C ALA E 29 -24.92 44.96 30.53
N SER E 30 -25.20 45.14 29.23
CA SER E 30 -25.67 46.42 28.64
C SER E 30 -27.15 46.69 28.97
N VAL E 31 -27.84 45.74 29.63
CA VAL E 31 -29.23 45.93 30.16
C VAL E 31 -29.26 45.59 31.66
N GLY E 32 -28.35 44.72 32.11
CA GLY E 32 -28.22 44.29 33.52
C GLY E 32 -29.44 43.53 33.96
N LEU E 33 -29.42 42.20 33.88
CA LEU E 33 -30.56 41.33 34.21
C LEU E 33 -30.18 40.40 35.36
N CYS E 34 -28.98 39.80 35.30
CA CYS E 34 -28.44 38.88 36.33
C CYS E 34 -27.12 39.43 36.88
N VAL E 35 -26.71 38.94 38.05
CA VAL E 35 -25.57 39.51 38.84
C VAL E 35 -24.95 38.39 39.69
N HIS E 36 -23.63 38.47 39.90
CA HIS E 36 -22.77 37.40 40.52
C HIS E 36 -23.47 36.80 41.74
N GLY E 37 -23.55 35.46 41.80
CA GLY E 37 -23.89 34.69 43.01
C GLY E 37 -25.38 34.62 43.29
N LYS E 38 -26.10 35.72 43.00
CA LYS E 38 -27.57 35.86 43.05
C LYS E 38 -28.19 35.00 41.95
N PRO E 39 -29.25 34.21 42.25
CA PRO E 39 -29.97 33.51 41.19
C PRO E 39 -30.51 34.48 40.12
N CYS E 40 -30.80 33.96 38.94
CA CYS E 40 -31.52 34.63 37.82
C CYS E 40 -32.55 33.64 37.24
N GLU E 41 -33.48 33.18 38.08
CA GLU E 41 -34.28 31.95 37.88
C GLU E 41 -34.91 31.94 36.48
N LEU E 42 -35.24 33.13 35.94
CA LEU E 42 -35.82 33.33 34.58
C LEU E 42 -35.06 32.51 33.53
N LEU E 43 -33.77 32.80 33.36
CA LEU E 43 -32.91 32.09 32.38
C LEU E 43 -32.67 30.66 32.87
N GLU E 44 -32.30 30.52 34.15
CA GLU E 44 -31.89 29.23 34.76
C GLU E 44 -32.89 28.14 34.32
N HIS E 45 -34.16 28.48 34.13
CA HIS E 45 -35.21 27.53 33.65
C HIS E 45 -34.92 27.08 32.21
N HIS E 46 -34.66 28.01 31.28
CA HIS E 46 -34.29 27.71 29.87
C HIS E 46 -33.10 26.76 29.86
N ASP E 47 -32.08 27.10 30.66
CA ASP E 47 -30.76 26.42 30.69
C ASP E 47 -30.99 24.98 31.15
N LEU E 48 -31.88 24.80 32.13
CA LEU E 48 -32.28 23.48 32.68
C LEU E 48 -32.81 22.58 31.57
N GLN E 49 -33.64 23.13 30.68
CA GLN E 49 -34.29 22.40 29.55
C GLN E 49 -33.24 22.07 28.48
N THR E 50 -32.42 23.05 28.09
CA THR E 50 -31.29 22.87 27.15
C THR E 50 -30.40 21.73 27.66
N LEU E 51 -30.15 21.72 28.97
CA LEU E 51 -29.30 20.69 29.61
C LEU E 51 -29.96 19.32 29.43
N GLU E 52 -31.29 19.28 29.48
CA GLU E 52 -32.08 18.03 29.46
C GLU E 52 -32.09 17.44 28.03
N ASP E 53 -31.71 18.21 27.01
CA ASP E 53 -31.49 17.70 25.62
C ASP E 53 -30.30 16.73 25.62
N GLY E 54 -29.37 16.93 26.56
CA GLY E 54 -28.26 16.02 26.87
C GLY E 54 -27.13 16.10 25.87
N LEU E 55 -26.92 17.24 25.22
CA LEU E 55 -25.84 17.40 24.21
C LEU E 55 -24.70 18.25 24.77
N SER E 56 -24.86 18.73 26.01
CA SER E 56 -24.04 19.81 26.61
C SER E 56 -22.73 19.24 27.19
N ILE E 57 -21.62 19.97 27.04
CA ILE E 57 -20.25 19.55 27.44
C ILE E 57 -19.79 20.37 28.65
N MET E 58 -18.93 19.79 29.50
CA MET E 58 -18.27 20.53 30.61
C MET E 58 -16.77 20.23 30.64
N ALA E 59 -15.99 21.23 31.06
CA ALA E 59 -14.56 21.12 31.43
C ALA E 59 -14.43 21.13 32.96
N VAL E 60 -13.75 20.13 33.53
CA VAL E 60 -13.46 20.02 34.98
C VAL E 60 -11.95 20.08 35.19
N GLU E 61 -11.50 20.87 36.19
CA GLU E 61 -10.07 21.01 36.58
C GLU E 61 -9.57 19.63 37.02
N SER E 62 -8.67 19.02 36.24
CA SER E 62 -8.13 17.65 36.46
C SER E 62 -8.04 17.40 37.96
N THR E 63 -7.19 18.16 38.65
CA THR E 63 -6.74 17.92 40.05
C THR E 63 -7.85 18.29 41.03
N THR E 64 -8.34 19.53 40.98
CA THR E 64 -9.25 20.08 42.02
C THR E 64 -10.66 19.47 41.87
N GLY E 65 -11.08 19.13 40.65
CA GLY E 65 -12.43 18.59 40.36
C GLY E 65 -13.49 19.68 40.26
N GLU E 66 -13.09 20.95 40.24
CA GLU E 66 -13.99 22.13 40.19
C GLU E 66 -14.44 22.36 38.74
N ILE E 67 -15.60 22.99 38.55
CA ILE E 67 -16.27 23.13 37.22
C ILE E 67 -15.64 24.34 36.51
N ALA E 68 -14.86 24.09 35.46
CA ALA E 68 -13.97 25.08 34.81
C ALA E 68 -14.75 25.88 33.76
N GLY E 69 -15.59 25.20 33.00
CA GLY E 69 -16.44 25.82 31.97
C GLY E 69 -17.43 24.81 31.40
N VAL E 70 -18.41 25.29 30.64
CA VAL E 70 -19.47 24.45 30.03
C VAL E 70 -19.89 25.05 28.69
N ALA E 71 -20.35 24.19 27.77
CA ALA E 71 -21.03 24.58 26.52
C ALA E 71 -22.43 23.94 26.48
N LEU E 72 -23.44 24.70 26.83
CA LEU E 72 -24.86 24.24 26.78
C LEU E 72 -25.33 24.25 25.32
N ASN E 73 -25.65 23.05 24.82
CA ASN E 73 -26.12 22.82 23.44
C ASN E 73 -27.58 22.34 23.52
N GLY E 74 -28.42 22.83 22.61
CA GLY E 74 -29.83 22.41 22.49
C GLY E 74 -30.26 22.30 21.04
N ILE E 75 -31.35 21.55 20.80
CA ILE E 75 -31.93 21.31 19.45
C ILE E 75 -32.99 22.38 19.20
N ALA E 76 -32.73 23.31 18.29
CA ALA E 76 -33.75 24.25 17.78
C ALA E 76 -34.57 23.55 16.71
N ARG E 77 -35.86 23.89 16.60
CA ARG E 77 -36.81 23.34 15.61
C ARG E 77 -37.63 24.49 15.01
N ARG E 78 -38.14 24.29 13.79
CA ARG E 78 -39.08 25.22 13.13
C ARG E 78 -40.18 25.57 14.13
N GLY E 79 -40.52 26.86 14.26
CA GLY E 79 -41.61 27.34 15.13
C GLY E 79 -41.16 27.67 16.54
N ASP E 80 -40.10 27.02 17.04
CA ASP E 80 -39.51 27.29 18.38
C ASP E 80 -39.45 28.80 18.62
N VAL E 81 -38.92 29.54 17.62
CA VAL E 81 -38.67 31.00 17.71
C VAL E 81 -39.98 31.72 17.98
N GLU E 82 -41.00 31.46 17.16
CA GLU E 82 -42.28 32.21 17.19
C GLU E 82 -43.12 31.79 18.40
N LYS E 83 -42.91 30.61 19.01
CA LYS E 83 -43.55 30.25 20.31
C LYS E 83 -42.92 31.11 21.41
N ALA E 84 -41.61 31.37 21.30
CA ALA E 84 -40.81 32.13 22.28
C ALA E 84 -41.25 33.60 22.27
N LEU E 85 -41.54 34.14 21.09
CA LEU E 85 -41.98 35.55 20.93
C LEU E 85 -43.41 35.73 21.48
N GLU E 86 -44.31 34.76 21.23
CA GLU E 86 -45.70 34.73 21.75
C GLU E 86 -45.64 34.58 23.28
N GLU E 87 -44.78 33.68 23.76
CA GLU E 87 -44.69 33.35 25.20
C GLU E 87 -44.08 34.53 25.96
N MET E 88 -43.22 35.32 25.32
CA MET E 88 -42.53 36.42 26.04
C MET E 88 -43.41 37.67 26.01
N LYS E 89 -44.51 37.67 25.25
CA LYS E 89 -45.54 38.75 25.33
C LYS E 89 -46.16 38.76 26.74
N SER E 90 -46.44 37.57 27.29
CA SER E 90 -47.13 37.37 28.59
C SER E 90 -46.12 37.45 29.76
N ILE E 91 -44.87 37.81 29.49
CA ILE E 91 -43.77 37.93 30.50
C ILE E 91 -43.36 39.41 30.55
N ASP E 92 -43.68 40.17 31.61
CA ASP E 92 -43.62 41.66 31.51
C ASP E 92 -42.36 42.19 32.22
N ASN E 93 -41.24 41.47 32.13
CA ASN E 93 -39.90 41.97 32.54
C ASN E 93 -39.28 42.70 31.35
N ILE E 94 -39.11 44.01 31.44
CA ILE E 94 -38.73 44.91 30.30
C ILE E 94 -37.28 44.65 29.90
N LYS E 95 -36.41 44.30 30.85
CA LYS E 95 -34.99 43.93 30.60
C LYS E 95 -34.97 42.74 29.65
N TYR E 96 -35.79 41.72 29.99
CA TYR E 96 -35.82 40.38 29.35
C TYR E 96 -36.31 40.54 27.90
N GLN E 97 -37.32 41.38 27.69
CA GLN E 97 -37.85 41.67 26.33
C GLN E 97 -36.74 42.25 25.46
N ARG E 98 -35.83 43.03 26.04
CA ARG E 98 -34.78 43.74 25.27
C ARG E 98 -33.72 42.73 24.83
N ILE E 99 -33.19 41.93 25.76
CA ILE E 99 -32.26 40.81 25.42
C ILE E 99 -32.94 39.93 24.36
N PHE E 100 -33.92 39.12 24.75
CA PHE E 100 -34.43 37.98 23.96
C PHE E 100 -35.28 38.45 22.78
N GLY E 101 -35.84 39.65 22.86
CA GLY E 101 -36.52 40.31 21.73
C GLY E 101 -35.58 40.47 20.56
N LEU E 102 -34.35 40.91 20.86
CA LEU E 102 -33.23 41.05 19.88
C LEU E 102 -32.87 39.67 19.34
N LEU E 103 -32.54 38.74 20.23
CA LEU E 103 -32.09 37.38 19.83
C LEU E 103 -33.14 36.74 18.92
N ASN E 104 -34.38 36.64 19.39
CA ASN E 104 -35.44 35.83 18.70
C ASN E 104 -35.84 36.55 17.39
N ASN E 105 -35.98 37.88 17.39
CA ASN E 105 -36.29 38.67 16.17
C ASN E 105 -35.20 38.40 15.12
N VAL E 106 -33.95 38.73 15.45
CA VAL E 106 -32.78 38.53 14.56
C VAL E 106 -32.84 37.10 13.98
N ASN E 107 -32.96 36.10 14.85
CA ASN E 107 -33.02 34.67 14.46
C ASN E 107 -34.18 34.50 13.47
N LYS E 108 -35.39 34.92 13.86
CA LYS E 108 -36.59 34.78 13.01
C LYS E 108 -36.36 35.44 11.66
N SER E 109 -35.69 36.60 11.63
CA SER E 109 -35.53 37.44 10.43
C SER E 109 -34.60 36.77 9.40
N ILE E 110 -33.95 35.66 9.74
CA ILE E 110 -33.21 34.80 8.75
C ILE E 110 -33.61 33.34 8.97
N ASP E 111 -34.47 32.81 8.12
CA ASP E 111 -35.07 31.46 8.27
C ASP E 111 -33.98 30.44 7.92
N LEU E 112 -33.09 30.16 8.87
CA LEU E 112 -31.94 29.23 8.68
C LEU E 112 -32.48 27.86 8.27
N PHE E 113 -33.60 27.45 8.87
CA PHE E 113 -34.28 26.16 8.57
C PHE E 113 -34.60 26.10 7.09
N THR E 114 -35.01 27.22 6.49
CA THR E 114 -35.35 27.32 5.05
C THR E 114 -34.07 27.47 4.26
N LYS E 115 -33.15 28.33 4.72
CA LYS E 115 -31.89 28.65 4.01
C LYS E 115 -31.13 27.36 3.70
N TYR E 116 -31.04 26.45 4.68
CA TYR E 116 -30.20 25.22 4.60
C TYR E 116 -31.07 23.99 4.46
N ASN E 117 -32.39 24.16 4.43
CA ASN E 117 -33.38 23.06 4.28
C ASN E 117 -33.15 22.00 5.36
N VAL E 118 -33.48 22.31 6.61
CA VAL E 118 -33.27 21.41 7.79
C VAL E 118 -34.45 21.59 8.75
N ASP E 119 -34.71 20.58 9.58
CA ASP E 119 -35.87 20.54 10.53
C ASP E 119 -35.39 20.77 11.97
N LYS E 120 -34.13 20.42 12.27
CA LYS E 120 -33.45 20.65 13.57
C LYS E 120 -32.13 21.39 13.31
N ILE E 121 -31.73 22.26 14.24
CA ILE E 121 -30.41 22.94 14.26
C ILE E 121 -29.77 22.74 15.63
N PHE E 122 -28.48 22.40 15.63
CA PHE E 122 -27.61 22.35 16.83
C PHE E 122 -27.23 23.79 17.20
N GLU E 123 -27.53 24.18 18.43
CA GLU E 123 -27.35 25.55 18.93
C GLU E 123 -26.40 25.53 20.12
N LEU E 124 -25.16 25.96 19.94
CA LEU E 124 -24.30 26.35 21.08
C LEU E 124 -24.90 27.63 21.65
N ARG E 125 -25.69 27.47 22.72
CA ARG E 125 -26.63 28.53 23.22
C ARG E 125 -25.93 29.37 24.28
N ILE E 126 -25.16 28.70 25.15
CA ILE E 126 -24.55 29.34 26.34
C ILE E 126 -23.14 28.77 26.54
N LEU E 127 -22.14 29.66 26.57
CA LEU E 127 -20.70 29.33 26.62
C LEU E 127 -20.07 30.07 27.81
N SER E 128 -19.73 29.34 28.87
CA SER E 128 -19.16 29.87 30.14
C SER E 128 -17.79 29.22 30.42
N VAL E 129 -16.78 30.06 30.68
CA VAL E 129 -15.47 29.67 31.28
C VAL E 129 -15.25 30.56 32.51
N ASP E 130 -15.23 29.94 33.70
CA ASP E 130 -15.05 30.61 35.02
C ASP E 130 -13.96 31.67 34.93
N SER E 131 -14.17 32.83 35.57
CA SER E 131 -13.24 33.98 35.69
C SER E 131 -11.81 33.47 35.94
N ARG E 132 -11.67 32.56 36.92
CA ARG E 132 -10.39 31.91 37.33
C ARG E 132 -9.64 31.43 36.08
N PHE E 133 -10.25 30.51 35.32
CA PHE E 133 -9.57 29.68 34.30
C PHE E 133 -9.69 30.30 32.90
N ARG E 134 -10.22 31.52 32.82
CA ARG E 134 -10.51 32.23 31.54
C ARG E 134 -9.20 32.62 30.85
N GLY E 135 -9.12 32.51 29.53
CA GLY E 135 -7.97 32.98 28.73
C GLY E 135 -6.99 31.85 28.41
N ARG E 136 -7.29 30.61 28.81
CA ARG E 136 -6.40 29.44 28.61
C ARG E 136 -6.86 28.63 27.39
N GLY E 137 -7.66 29.22 26.48
CA GLY E 137 -8.13 28.56 25.25
C GLY E 137 -9.17 27.46 25.50
N ILE E 138 -9.87 27.49 26.64
CA ILE E 138 -10.80 26.40 27.06
C ILE E 138 -12.09 26.49 26.21
N ALA E 139 -12.68 27.67 26.09
CA ALA E 139 -13.88 27.92 25.25
C ALA E 139 -13.63 27.34 23.85
N LYS E 140 -12.56 27.78 23.20
CA LYS E 140 -12.15 27.26 21.86
C LYS E 140 -12.26 25.74 21.83
N GLU E 141 -11.93 25.07 22.95
CA GLU E 141 -11.98 23.59 23.03
C GLU E 141 -13.44 23.16 23.11
N LEU E 142 -14.19 23.76 24.03
CA LEU E 142 -15.63 23.46 24.27
C LEU E 142 -16.38 23.54 22.94
N PHE E 143 -16.17 24.63 22.20
CA PHE E 143 -16.72 24.87 20.84
C PHE E 143 -16.41 23.66 19.93
N LEU E 144 -15.13 23.42 19.65
CA LEU E 144 -14.68 22.30 18.77
C LEU E 144 -15.33 21.01 19.24
N ARG E 145 -15.40 20.77 20.54
CA ARG E 145 -16.00 19.52 21.11
C ARG E 145 -17.50 19.50 20.79
N SER E 146 -18.14 20.66 20.90
CA SER E 146 -19.60 20.84 20.68
C SER E 146 -19.91 20.51 19.22
N GLU E 147 -19.12 21.02 18.29
CA GLU E 147 -19.25 20.77 16.82
C GLU E 147 -19.26 19.25 16.59
N LEU E 148 -18.40 18.51 17.29
CA LEU E 148 -18.20 17.06 17.06
C LEU E 148 -19.32 16.25 17.71
N ILE E 149 -19.93 16.76 18.77
CA ILE E 149 -21.18 16.16 19.33
C ILE E 149 -22.26 16.26 18.24
N ALA E 150 -22.35 17.41 17.56
CA ALA E 150 -23.35 17.66 16.52
C ALA E 150 -23.22 16.59 15.42
N GLU E 151 -22.00 16.30 14.98
CA GLU E 151 -21.73 15.35 13.87
C GLU E 151 -22.08 13.92 14.32
N GLU E 152 -21.87 13.58 15.59
CA GLU E 152 -22.15 12.24 16.16
C GLU E 152 -23.66 12.04 16.35
N HIS E 153 -24.43 13.11 16.42
CA HIS E 153 -25.91 13.06 16.57
C HIS E 153 -26.58 13.42 15.25
N GLY E 154 -25.81 13.33 14.16
CA GLY E 154 -26.30 13.41 12.77
C GLY E 154 -26.96 14.74 12.48
N PHE E 155 -26.53 15.82 13.15
CA PHE E 155 -26.95 17.21 12.83
C PHE E 155 -26.19 17.67 11.58
N LYS E 156 -26.78 18.60 10.84
CA LYS E 156 -26.25 19.10 9.53
C LYS E 156 -25.81 20.57 9.63
N LEU E 157 -26.37 21.34 10.58
CA LEU E 157 -26.04 22.77 10.80
C LEU E 157 -25.85 23.04 12.29
N VAL E 158 -24.74 23.71 12.63
CA VAL E 158 -24.45 24.24 13.99
C VAL E 158 -24.58 25.75 13.90
N LYS E 159 -25.23 26.36 14.89
CA LYS E 159 -25.48 27.81 14.97
C LYS E 159 -25.08 28.30 16.36
N VAL E 160 -24.64 29.56 16.46
CA VAL E 160 -24.29 30.22 17.76
C VAL E 160 -24.70 31.70 17.72
N ASP E 161 -25.40 32.14 18.78
CA ASP E 161 -25.72 33.56 19.02
C ASP E 161 -24.48 34.20 19.63
N ALA E 162 -23.56 34.68 18.79
CA ALA E 162 -22.19 35.10 19.19
C ALA E 162 -22.22 36.55 19.64
N THR E 163 -22.63 36.79 20.89
CA THR E 163 -22.80 38.14 21.49
C THR E 163 -21.42 38.71 21.89
N SER E 164 -20.58 37.86 22.49
CA SER E 164 -19.14 38.11 22.77
C SER E 164 -18.36 38.07 21.46
N LEU E 165 -17.34 38.94 21.34
CA LEU E 165 -16.38 38.97 20.20
C LEU E 165 -15.35 37.83 20.36
N PHE E 166 -15.07 37.42 21.59
CA PHE E 166 -14.21 36.24 21.89
C PHE E 166 -14.87 34.99 21.32
N THR E 167 -16.19 34.85 21.50
CA THR E 167 -17.02 33.77 20.91
C THR E 167 -17.00 33.87 19.37
N GLN E 168 -16.99 35.08 18.83
CA GLN E 168 -16.90 35.31 17.36
C GLN E 168 -15.58 34.72 16.86
N ARG E 169 -14.46 34.98 17.56
CA ARG E 169 -13.12 34.49 17.15
C ARG E 169 -13.10 32.97 17.20
N ALA E 170 -13.52 32.39 18.32
CA ALA E 170 -13.61 30.93 18.46
C ALA E 170 -14.31 30.38 17.22
N ALA E 171 -15.45 30.97 16.88
CA ALA E 171 -16.25 30.60 15.69
C ALA E 171 -15.40 30.79 14.44
N GLU E 172 -14.84 31.99 14.24
CA GLU E 172 -13.97 32.30 13.08
C GLU E 172 -12.94 31.18 12.94
N CYS E 173 -12.39 30.74 14.07
CA CYS E 173 -11.26 29.76 14.14
C CYS E 173 -11.67 28.41 13.55
N LEU E 174 -12.90 27.98 13.83
CA LEU E 174 -13.44 26.67 13.35
C LEU E 174 -14.13 26.83 12.00
N GLY E 175 -14.04 28.01 11.38
CA GLY E 175 -14.48 28.26 10.00
C GLY E 175 -15.97 28.54 9.91
N PHE E 176 -16.55 29.10 10.97
CA PHE E 176 -17.97 29.54 11.01
C PHE E 176 -18.13 30.78 10.13
N ILE E 177 -19.25 30.82 9.42
CA ILE E 177 -19.71 31.96 8.57
C ILE E 177 -20.63 32.87 9.40
N THR E 178 -20.54 34.18 9.22
CA THR E 178 -21.53 35.17 9.74
C THR E 178 -22.75 35.18 8.82
N GLU E 179 -23.91 34.83 9.40
CA GLU E 179 -25.24 34.82 8.74
C GLU E 179 -25.83 36.24 8.78
N LYS E 180 -25.91 36.82 9.97
CA LYS E 180 -26.40 38.21 10.22
C LYS E 180 -25.42 38.95 11.13
N CYS E 181 -24.98 40.13 10.73
CA CYS E 181 -24.24 41.07 11.61
C CYS E 181 -25.15 42.24 11.96
N VAL E 182 -25.25 42.57 13.26
CA VAL E 182 -26.10 43.67 13.81
C VAL E 182 -25.35 44.40 14.92
N THR E 183 -25.30 45.72 14.81
CA THR E 183 -24.63 46.68 15.75
C THR E 183 -25.56 47.00 16.92
N TYR E 184 -25.10 46.80 18.16
CA TYR E 184 -25.89 47.05 19.40
C TYR E 184 -26.34 48.51 19.48
N GLY E 185 -25.51 49.42 18.94
CA GLY E 185 -25.73 50.87 18.95
C GLY E 185 -27.03 51.27 18.26
N ASP E 186 -27.38 50.55 17.18
CA ASP E 186 -28.50 50.86 16.26
C ASP E 186 -29.85 50.99 16.99
N PHE E 187 -29.97 50.47 18.21
CA PHE E 187 -31.26 50.37 18.95
C PHE E 187 -31.33 51.44 20.04
N LYS E 188 -32.31 52.34 19.89
CA LYS E 188 -32.55 53.53 20.75
C LYS E 188 -34.04 53.57 21.11
N ASP E 189 -34.37 53.90 22.36
CA ASP E 189 -35.76 53.91 22.90
C ASP E 189 -36.48 55.17 22.40
N GLU E 190 -37.71 55.39 22.89
CA GLU E 190 -38.60 56.55 22.61
C GLU E 190 -37.83 57.88 22.64
N ASN E 191 -36.90 58.07 23.58
CA ASN E 191 -36.05 59.29 23.72
C ASN E 191 -35.04 59.36 22.57
N GLY E 192 -34.41 58.23 22.26
CA GLY E 192 -33.20 58.14 21.41
C GLY E 192 -31.97 57.73 22.20
N ARG E 193 -32.13 57.27 23.46
CA ARG E 193 -31.01 56.77 24.28
C ARG E 193 -30.75 55.29 23.90
N LYS E 194 -29.48 54.92 23.72
CA LYS E 194 -29.03 53.53 23.40
C LYS E 194 -29.66 52.55 24.38
N ILE E 195 -30.26 51.46 23.86
CA ILE E 195 -30.93 50.38 24.65
C ILE E 195 -29.88 49.38 25.13
N TYR E 196 -28.94 49.07 24.24
CA TYR E 196 -27.76 48.21 24.50
C TYR E 196 -26.53 49.09 24.50
N ASP E 197 -26.29 49.73 25.64
CA ASP E 197 -25.07 50.52 25.91
C ASP E 197 -23.95 49.52 26.24
N THR E 198 -23.47 48.78 25.24
CA THR E 198 -22.42 47.74 25.38
C THR E 198 -21.06 48.42 25.51
N LYS E 199 -20.19 47.89 26.38
CA LYS E 199 -18.79 48.38 26.52
C LYS E 199 -17.94 47.64 25.48
N SER E 200 -17.08 48.38 24.77
CA SER E 200 -16.12 47.85 23.77
C SER E 200 -15.29 46.75 24.43
N PRO E 201 -14.83 45.72 23.68
CA PRO E 201 -14.84 45.72 22.21
C PRO E 201 -16.05 45.05 21.53
N HIS E 202 -17.14 44.83 22.26
CA HIS E 202 -18.34 44.08 21.79
C HIS E 202 -19.32 45.04 21.11
N ASP E 203 -18.99 45.50 19.90
CA ASP E 203 -19.72 46.59 19.19
C ASP E 203 -20.82 45.99 18.32
N TYR E 204 -20.94 44.66 18.26
CA TYR E 204 -21.98 43.98 17.45
C TYR E 204 -22.14 42.51 17.85
N TYR E 205 -23.31 41.97 17.50
CA TYR E 205 -23.75 40.58 17.74
C TYR E 205 -23.84 39.87 16.38
N LYS E 206 -23.20 38.71 16.28
CA LYS E 206 -23.19 37.89 15.05
C LYS E 206 -23.89 36.56 15.34
N VAL E 207 -24.88 36.22 14.50
CA VAL E 207 -25.33 34.82 14.32
C VAL E 207 -24.35 34.17 13.35
N MET E 208 -23.84 33.00 13.72
CA MET E 208 -22.75 32.31 13.00
C MET E 208 -23.09 30.82 12.91
N THR E 209 -22.58 30.18 11.88
CA THR E 209 -23.08 28.90 11.35
C THR E 209 -21.93 28.10 10.75
N LYS E 210 -22.00 26.78 10.84
CA LYS E 210 -21.13 25.88 10.06
C LYS E 210 -21.94 24.65 9.68
N VAL E 211 -21.67 24.08 8.51
CA VAL E 211 -22.35 22.90 7.94
C VAL E 211 -21.44 21.68 8.16
N VAL E 212 -21.98 20.60 8.77
CA VAL E 212 -21.20 19.49 9.38
C VAL E 212 -21.51 18.16 8.66
N SER E 213 -21.30 16.99 9.31
CA SER E 213 -21.38 15.63 8.70
C SER E 213 -22.31 14.67 9.47
N MET F 1 -5.92 -15.07 -34.70
CA MET F 1 -7.33 -14.55 -34.63
C MET F 1 -7.36 -13.11 -34.07
N GLU F 2 -7.74 -12.13 -34.90
CA GLU F 2 -7.72 -10.69 -34.56
C GLU F 2 -9.15 -10.12 -34.60
N TYR F 3 -9.59 -9.52 -33.50
CA TYR F 3 -10.97 -8.99 -33.30
C TYR F 3 -10.94 -7.47 -33.31
N GLY F 4 -11.60 -6.83 -34.30
CA GLY F 4 -11.64 -5.36 -34.43
C GLY F 4 -12.94 -4.87 -35.05
N PRO F 5 -13.16 -3.54 -35.11
CA PRO F 5 -14.31 -2.95 -35.82
C PRO F 5 -14.42 -3.34 -37.31
N ILE F 6 -15.54 -2.99 -37.94
CA ILE F 6 -15.86 -3.32 -39.36
C ILE F 6 -15.92 -2.03 -40.18
N PRO F 7 -14.87 -1.68 -40.97
CA PRO F 7 -14.91 -0.48 -41.80
C PRO F 7 -15.94 -0.64 -42.94
N SER F 8 -16.58 0.48 -43.28
CA SER F 8 -17.55 0.62 -44.40
C SER F 8 -17.10 -0.17 -45.64
N SER F 9 -15.78 -0.15 -45.90
CA SER F 9 -15.10 -0.86 -47.03
C SER F 9 -15.53 -2.32 -47.06
N LYS F 10 -15.62 -2.95 -45.89
CA LYS F 10 -15.63 -4.43 -45.77
C LYS F 10 -17.05 -4.93 -45.50
N PHE F 11 -18.06 -4.34 -46.15
CA PHE F 11 -19.50 -4.63 -45.87
C PHE F 11 -20.01 -5.74 -46.79
N THR F 12 -19.60 -5.78 -48.06
CA THR F 12 -19.95 -6.85 -49.01
C THR F 12 -19.01 -8.03 -48.82
N ASP F 13 -17.82 -7.76 -48.27
CA ASP F 13 -16.94 -8.79 -47.66
C ASP F 13 -17.80 -9.63 -46.70
N VAL F 14 -18.56 -8.94 -45.85
CA VAL F 14 -19.39 -9.53 -44.75
C VAL F 14 -20.62 -10.23 -45.34
N ILE F 15 -21.30 -9.62 -46.31
CA ILE F 15 -22.54 -10.18 -46.90
C ILE F 15 -22.18 -11.50 -47.60
N HIS F 16 -21.10 -11.49 -48.39
CA HIS F 16 -20.60 -12.68 -49.12
C HIS F 16 -20.14 -13.75 -48.13
N HIS F 17 -19.71 -13.33 -46.93
CA HIS F 17 -19.50 -14.24 -45.78
C HIS F 17 -20.85 -14.81 -45.35
N LEU F 18 -21.82 -13.95 -45.05
CA LEU F 18 -23.14 -14.36 -44.49
C LEU F 18 -23.84 -15.28 -45.49
N ARG F 19 -23.79 -14.95 -46.78
CA ARG F 19 -24.41 -15.76 -47.87
C ARG F 19 -23.85 -17.19 -47.77
N HIS F 20 -22.55 -17.35 -47.59
CA HIS F 20 -21.84 -18.66 -47.68
C HIS F 20 -21.97 -19.46 -46.37
N ASN F 21 -22.45 -18.87 -45.26
CA ASN F 21 -22.46 -19.53 -43.92
C ASN F 21 -23.83 -19.45 -43.23
N PHE F 22 -24.44 -18.28 -43.06
CA PHE F 22 -25.54 -18.05 -42.08
C PHE F 22 -26.81 -18.83 -42.44
N PRO F 23 -27.10 -19.17 -43.72
CA PRO F 23 -28.27 -20.00 -44.05
C PRO F 23 -28.53 -21.25 -43.22
N ASP F 24 -27.52 -21.84 -42.54
CA ASP F 24 -27.72 -23.05 -41.70
C ASP F 24 -28.18 -22.64 -40.29
N GLU F 25 -28.50 -21.38 -40.10
CA GLU F 25 -29.21 -20.92 -38.87
C GLU F 25 -30.44 -21.81 -38.68
N PRO F 26 -30.63 -22.38 -37.47
CA PRO F 26 -31.69 -23.36 -37.21
C PRO F 26 -33.16 -22.97 -37.47
N LEU F 27 -33.54 -21.71 -37.23
CA LEU F 27 -34.90 -21.23 -37.56
C LEU F 27 -35.01 -21.07 -39.08
N ASN F 28 -34.09 -20.32 -39.68
CA ASN F 28 -33.93 -20.18 -41.15
C ASN F 28 -34.15 -21.53 -41.82
N ALA F 29 -33.48 -22.57 -41.29
CA ALA F 29 -33.48 -23.97 -41.79
C ALA F 29 -34.91 -24.54 -41.78
N SER F 30 -35.62 -24.42 -40.65
CA SER F 30 -36.92 -25.09 -40.42
C SER F 30 -38.03 -24.49 -41.29
N VAL F 31 -37.76 -23.40 -42.02
CA VAL F 31 -38.72 -22.76 -42.99
C VAL F 31 -38.02 -22.56 -44.35
N GLY F 32 -36.70 -22.41 -44.36
CA GLY F 32 -35.86 -22.43 -45.57
C GLY F 32 -36.01 -21.16 -46.37
N LEU F 33 -35.64 -20.01 -45.81
CA LEU F 33 -35.76 -18.69 -46.49
C LEU F 33 -34.55 -18.47 -47.41
N CYS F 34 -33.33 -18.70 -46.92
CA CYS F 34 -32.05 -18.37 -47.61
C CYS F 34 -31.20 -19.63 -47.78
N VAL F 35 -30.23 -19.61 -48.70
CA VAL F 35 -29.45 -20.81 -49.14
C VAL F 35 -28.06 -20.37 -49.60
N HIS F 36 -27.05 -21.24 -49.44
CA HIS F 36 -25.59 -20.96 -49.63
C HIS F 36 -25.37 -20.15 -50.91
N GLY F 37 -24.42 -19.21 -50.89
CA GLY F 37 -23.81 -18.53 -52.06
C GLY F 37 -24.74 -17.52 -52.71
N LYS F 38 -25.99 -17.92 -52.97
CA LYS F 38 -26.99 -17.04 -53.63
C LYS F 38 -27.54 -16.06 -52.59
N PRO F 39 -27.80 -14.81 -53.01
CA PRO F 39 -28.24 -13.78 -52.10
C PRO F 39 -29.63 -14.06 -51.50
N CYS F 40 -29.90 -13.42 -50.37
CA CYS F 40 -31.21 -13.37 -49.66
C CYS F 40 -31.48 -11.91 -49.32
N GLU F 41 -31.77 -11.09 -50.35
CA GLU F 41 -31.69 -9.60 -50.33
C GLU F 41 -32.67 -8.98 -49.33
N LEU F 42 -33.57 -9.80 -48.76
CA LEU F 42 -34.61 -9.38 -47.77
C LEU F 42 -33.90 -9.00 -46.46
N LEU F 43 -33.32 -9.99 -45.79
CA LEU F 43 -32.53 -9.81 -44.55
C LEU F 43 -31.34 -8.88 -44.82
N GLU F 44 -30.64 -9.11 -45.94
CA GLU F 44 -29.36 -8.42 -46.27
C GLU F 44 -29.54 -6.90 -46.12
N HIS F 45 -30.77 -6.39 -46.28
CA HIS F 45 -31.10 -4.95 -46.08
C HIS F 45 -31.06 -4.59 -44.58
N HIS F 46 -31.84 -5.31 -43.75
CA HIS F 46 -31.83 -5.20 -42.28
C HIS F 46 -30.39 -5.14 -41.80
N ASP F 47 -29.59 -6.13 -42.21
CA ASP F 47 -28.20 -6.36 -41.75
C ASP F 47 -27.36 -5.14 -42.12
N LEU F 48 -27.64 -4.56 -43.28
CA LEU F 48 -26.91 -3.38 -43.83
C LEU F 48 -27.09 -2.18 -42.91
N GLN F 49 -28.29 -2.01 -42.34
CA GLN F 49 -28.67 -0.91 -41.41
C GLN F 49 -28.06 -1.15 -40.03
N THR F 50 -28.21 -2.38 -39.50
CA THR F 50 -27.57 -2.83 -38.24
C THR F 50 -26.09 -2.46 -38.27
N LEU F 51 -25.44 -2.71 -39.41
CA LEU F 51 -23.98 -2.46 -39.60
C LEU F 51 -23.72 -0.96 -39.51
N GLU F 52 -24.66 -0.13 -39.96
CA GLU F 52 -24.50 1.34 -40.05
C GLU F 52 -24.70 1.97 -38.66
N ASP F 53 -25.21 1.21 -37.68
CA ASP F 53 -25.19 1.60 -36.25
C ASP F 53 -23.74 1.67 -35.79
N GLY F 54 -22.87 0.84 -36.39
CA GLY F 54 -21.41 0.87 -36.25
C GLY F 54 -20.93 0.25 -34.95
N LEU F 55 -21.66 -0.69 -34.37
CA LEU F 55 -21.29 -1.34 -33.08
C LEU F 55 -20.77 -2.76 -33.34
N SER F 56 -20.78 -3.18 -34.60
CA SER F 56 -20.63 -4.61 -35.02
C SER F 56 -19.14 -5.01 -35.03
N ILE F 57 -18.84 -6.27 -34.67
CA ILE F 57 -17.44 -6.80 -34.52
C ILE F 57 -17.19 -7.87 -35.60
N MET F 58 -15.94 -7.98 -36.05
CA MET F 58 -15.49 -9.09 -36.95
C MET F 58 -14.22 -9.74 -36.39
N ALA F 59 -14.04 -11.02 -36.74
CA ALA F 59 -12.81 -11.81 -36.56
C ALA F 59 -12.20 -12.11 -37.93
N VAL F 60 -10.93 -11.76 -38.14
CA VAL F 60 -10.19 -12.03 -39.41
C VAL F 60 -9.08 -13.05 -39.11
N GLU F 61 -8.86 -14.00 -40.03
CA GLU F 61 -7.77 -15.01 -39.95
C GLU F 61 -6.44 -14.25 -40.00
N SER F 62 -5.71 -14.23 -38.88
CA SER F 62 -4.43 -13.49 -38.69
C SER F 62 -3.67 -13.47 -40.04
N THR F 63 -3.28 -14.66 -40.51
CA THR F 63 -2.36 -14.87 -41.65
C THR F 63 -3.11 -14.61 -42.98
N THR F 64 -4.20 -15.32 -43.24
CA THR F 64 -4.86 -15.36 -44.58
C THR F 64 -5.63 -14.06 -44.84
N GLY F 65 -6.02 -13.33 -43.80
CA GLY F 65 -6.81 -12.07 -43.90
C GLY F 65 -8.28 -12.30 -44.27
N GLU F 66 -8.73 -13.56 -44.30
CA GLU F 66 -10.12 -13.95 -44.69
C GLU F 66 -11.07 -13.65 -43.51
N ILE F 67 -12.34 -13.37 -43.80
CA ILE F 67 -13.38 -13.01 -42.79
C ILE F 67 -13.82 -14.29 -42.08
N ALA F 68 -13.54 -14.42 -40.77
CA ALA F 68 -13.67 -15.67 -39.98
C ALA F 68 -15.05 -15.76 -39.35
N GLY F 69 -15.50 -14.68 -38.72
CA GLY F 69 -16.83 -14.56 -38.12
C GLY F 69 -17.18 -13.11 -37.82
N VAL F 70 -18.43 -12.84 -37.50
CA VAL F 70 -18.94 -11.46 -37.18
C VAL F 70 -20.05 -11.53 -36.14
N ALA F 71 -20.11 -10.53 -35.26
CA ALA F 71 -21.29 -10.22 -34.40
C ALA F 71 -21.87 -8.88 -34.85
N LEU F 72 -23.07 -8.92 -35.42
CA LEU F 72 -23.81 -7.70 -35.84
C LEU F 72 -24.66 -7.22 -34.66
N ASN F 73 -24.37 -6.00 -34.21
CA ASN F 73 -25.00 -5.38 -33.03
C ASN F 73 -25.75 -4.14 -33.51
N GLY F 74 -26.97 -3.96 -33.01
CA GLY F 74 -27.83 -2.81 -33.32
C GLY F 74 -28.50 -2.24 -32.07
N ILE F 75 -28.91 -0.98 -32.14
CA ILE F 75 -29.64 -0.26 -31.06
C ILE F 75 -31.14 -0.50 -31.30
N ALA F 76 -31.80 -1.21 -30.39
CA ALA F 76 -33.26 -1.38 -30.39
C ALA F 76 -33.89 -0.28 -29.53
N ARG F 77 -34.90 0.41 -30.07
CA ARG F 77 -35.66 1.49 -29.37
C ARG F 77 -37.12 1.08 -29.21
N ARG F 78 -37.78 1.63 -28.18
CA ARG F 78 -39.25 1.55 -27.98
C ARG F 78 -39.96 1.81 -29.31
N GLY F 79 -40.95 0.99 -29.65
CA GLY F 79 -41.76 1.12 -30.87
C GLY F 79 -41.16 0.41 -32.07
N ASP F 80 -39.84 0.17 -32.08
CA ASP F 80 -39.12 -0.48 -33.22
C ASP F 80 -39.87 -1.76 -33.63
N VAL F 81 -40.29 -2.57 -32.65
CA VAL F 81 -40.97 -3.89 -32.86
C VAL F 81 -42.29 -3.68 -33.59
N GLU F 82 -43.11 -2.77 -33.06
CA GLU F 82 -44.46 -2.45 -33.62
C GLU F 82 -44.32 -2.03 -35.08
N LYS F 83 -43.44 -1.07 -35.36
CA LYS F 83 -43.26 -0.58 -36.77
C LYS F 83 -42.89 -1.76 -37.66
N ALA F 84 -42.11 -2.69 -37.13
CA ALA F 84 -41.62 -3.90 -37.83
C ALA F 84 -42.81 -4.83 -38.11
N LEU F 85 -43.74 -4.94 -37.18
CA LEU F 85 -44.95 -5.79 -37.30
C LEU F 85 -45.94 -5.17 -38.30
N GLU F 86 -46.03 -3.83 -38.36
CA GLU F 86 -46.88 -3.08 -39.32
C GLU F 86 -46.26 -3.24 -40.70
N GLU F 87 -44.97 -2.94 -40.82
N GLU F 87 -44.95 -2.94 -40.84
CA GLU F 87 -44.23 -3.02 -42.10
CA GLU F 87 -44.19 -3.02 -42.11
C GLU F 87 -44.28 -4.45 -42.65
C GLU F 87 -44.13 -4.46 -42.63
N MET F 88 -44.41 -5.44 -41.75
CA MET F 88 -44.39 -6.88 -42.10
C MET F 88 -45.71 -7.28 -42.77
N LYS F 89 -46.78 -6.52 -42.52
CA LYS F 89 -48.12 -6.78 -43.10
C LYS F 89 -48.06 -6.57 -44.62
N SER F 90 -47.45 -5.49 -45.09
CA SER F 90 -47.37 -5.11 -46.53
C SER F 90 -46.44 -6.07 -47.29
N ILE F 91 -45.36 -6.53 -46.67
CA ILE F 91 -44.45 -7.59 -47.20
C ILE F 91 -45.23 -8.91 -47.26
N ASP F 92 -45.30 -9.61 -48.40
CA ASP F 92 -46.17 -10.81 -48.52
C ASP F 92 -45.33 -12.03 -48.93
N ASN F 93 -44.34 -12.38 -48.08
CA ASN F 93 -43.49 -13.60 -48.17
C ASN F 93 -43.72 -14.46 -46.92
N ILE F 94 -44.70 -15.35 -46.99
CA ILE F 94 -45.16 -16.28 -45.92
C ILE F 94 -43.95 -16.71 -45.06
N LYS F 95 -42.93 -17.31 -45.68
CA LYS F 95 -41.71 -17.80 -44.98
C LYS F 95 -41.21 -16.73 -44.01
N TYR F 96 -41.02 -15.52 -44.54
CA TYR F 96 -40.50 -14.34 -43.81
C TYR F 96 -41.46 -14.00 -42.65
N GLN F 97 -42.76 -14.08 -42.89
CA GLN F 97 -43.78 -13.85 -41.84
C GLN F 97 -43.54 -14.86 -40.71
N ARG F 98 -43.31 -16.13 -41.06
CA ARG F 98 -43.14 -17.22 -40.07
C ARG F 98 -41.92 -16.92 -39.19
N ILE F 99 -40.75 -16.67 -39.78
CA ILE F 99 -39.51 -16.30 -39.04
C ILE F 99 -39.82 -15.10 -38.14
N PHE F 100 -39.96 -13.92 -38.73
CA PHE F 100 -39.91 -12.63 -38.00
C PHE F 100 -41.22 -12.36 -37.25
N GLY F 101 -42.29 -13.06 -37.61
CA GLY F 101 -43.54 -13.06 -36.84
C GLY F 101 -43.29 -13.53 -35.44
N LEU F 102 -42.62 -14.69 -35.33
CA LEU F 102 -42.18 -15.31 -34.05
C LEU F 102 -41.28 -14.35 -33.29
N LEU F 103 -40.20 -13.89 -33.93
CA LEU F 103 -39.17 -13.05 -33.29
C LEU F 103 -39.84 -11.80 -32.69
N ASN F 104 -40.58 -11.05 -33.50
CA ASN F 104 -41.12 -9.73 -33.12
C ASN F 104 -42.27 -9.93 -32.12
N ASN F 105 -43.15 -10.91 -32.32
CA ASN F 105 -44.26 -11.20 -31.37
C ASN F 105 -43.65 -11.51 -30.00
N VAL F 106 -42.82 -12.55 -29.92
CA VAL F 106 -42.10 -12.97 -28.67
C VAL F 106 -41.51 -11.74 -27.99
N ASN F 107 -40.72 -10.95 -28.72
CA ASN F 107 -40.05 -9.75 -28.17
C ASN F 107 -41.11 -8.80 -27.62
N LYS F 108 -42.09 -8.44 -28.45
CA LYS F 108 -43.25 -7.58 -28.08
C LYS F 108 -43.83 -8.07 -26.75
N SER F 109 -44.15 -9.36 -26.67
CA SER F 109 -44.90 -9.99 -25.55
C SER F 109 -44.14 -9.92 -24.22
N ILE F 110 -42.89 -9.44 -24.23
CA ILE F 110 -42.12 -9.10 -23.00
C ILE F 110 -41.50 -7.72 -23.21
N ASP F 111 -42.14 -6.69 -22.69
CA ASP F 111 -41.70 -5.28 -22.83
C ASP F 111 -40.43 -5.11 -21.98
N LEU F 112 -39.28 -5.49 -22.56
CA LEU F 112 -37.96 -5.42 -21.86
C LEU F 112 -37.70 -3.96 -21.48
N PHE F 113 -38.05 -3.04 -22.38
CA PHE F 113 -37.88 -1.56 -22.17
C PHE F 113 -38.55 -1.17 -20.85
N THR F 114 -39.77 -1.66 -20.62
CA THR F 114 -40.53 -1.40 -19.37
C THR F 114 -39.92 -2.22 -18.25
N LYS F 115 -39.54 -3.47 -18.52
CA LYS F 115 -39.05 -4.39 -17.48
C LYS F 115 -37.83 -3.77 -16.78
N TYR F 116 -36.89 -3.23 -17.55
CA TYR F 116 -35.57 -2.74 -17.04
C TYR F 116 -35.54 -1.22 -17.07
N ASN F 117 -36.65 -0.59 -17.47
CA ASN F 117 -36.80 0.89 -17.53
C ASN F 117 -35.61 1.49 -18.30
N VAL F 118 -35.59 1.29 -19.63
CA VAL F 118 -34.52 1.76 -20.55
C VAL F 118 -35.18 2.17 -21.86
N ASP F 119 -34.52 3.05 -22.64
CA ASP F 119 -35.07 3.63 -23.89
C ASP F 119 -34.33 3.05 -25.12
N LYS F 120 -33.16 2.46 -24.92
CA LYS F 120 -32.38 1.76 -25.98
C LYS F 120 -31.89 0.42 -25.42
N ILE F 121 -31.78 -0.61 -26.27
CA ILE F 121 -31.22 -1.94 -25.91
C ILE F 121 -30.14 -2.31 -26.94
N PHE F 122 -29.01 -2.81 -26.46
CA PHE F 122 -27.94 -3.43 -27.28
C PHE F 122 -28.37 -4.84 -27.65
N GLU F 123 -28.33 -5.12 -28.93
CA GLU F 123 -28.99 -6.31 -29.52
C GLU F 123 -27.93 -7.04 -30.35
N LEU F 124 -27.31 -8.08 -29.80
CA LEU F 124 -26.52 -9.04 -30.64
C LEU F 124 -27.52 -9.76 -31.50
N ARG F 125 -27.65 -9.33 -32.75
CA ARG F 125 -28.79 -9.64 -33.64
C ARG F 125 -28.44 -10.85 -34.49
N ILE F 126 -27.21 -10.87 -35.01
CA ILE F 126 -26.74 -11.91 -35.96
C ILE F 126 -25.29 -12.28 -35.63
N LEU F 127 -25.06 -13.58 -35.43
CA LEU F 127 -23.78 -14.16 -34.96
C LEU F 127 -23.37 -15.29 -35.93
N SER F 128 -22.33 -15.04 -36.74
CA SER F 128 -21.84 -15.96 -37.78
C SER F 128 -20.34 -16.27 -37.56
N VAL F 129 -20.00 -17.56 -37.60
CA VAL F 129 -18.61 -18.07 -37.71
C VAL F 129 -18.56 -19.04 -38.89
N ASP F 130 -17.66 -18.80 -39.84
CA ASP F 130 -17.49 -19.58 -41.09
C ASP F 130 -17.48 -21.08 -40.74
N SER F 131 -18.06 -21.91 -41.62
CA SER F 131 -18.05 -23.40 -41.56
C SER F 131 -16.62 -23.90 -41.28
N ARG F 132 -15.64 -23.33 -41.99
CA ARG F 132 -14.19 -23.60 -41.89
C ARG F 132 -13.76 -23.53 -40.42
N PHE F 133 -13.93 -22.35 -39.80
CA PHE F 133 -13.28 -21.98 -38.52
C PHE F 133 -14.23 -22.21 -37.32
N ARG F 134 -15.36 -22.89 -37.56
CA ARG F 134 -16.43 -23.13 -36.55
C ARG F 134 -15.93 -24.12 -35.50
N GLY F 135 -16.26 -23.91 -34.23
CA GLY F 135 -15.94 -24.85 -33.14
C GLY F 135 -14.67 -24.48 -32.40
N ARG F 136 -14.01 -23.37 -32.77
CA ARG F 136 -12.71 -22.94 -32.19
C ARG F 136 -12.96 -21.88 -31.10
N GLY F 137 -14.18 -21.84 -30.52
CA GLY F 137 -14.55 -20.88 -29.45
C GLY F 137 -14.61 -19.44 -29.93
N ILE F 138 -14.79 -19.20 -31.23
CA ILE F 138 -14.70 -17.84 -31.84
C ILE F 138 -15.97 -17.05 -31.53
N ALA F 139 -17.14 -17.69 -31.53
CA ALA F 139 -18.44 -17.06 -31.19
C ALA F 139 -18.38 -16.53 -29.77
N LYS F 140 -18.00 -17.38 -28.82
CA LYS F 140 -17.81 -17.00 -27.39
C LYS F 140 -17.03 -15.69 -27.32
N GLU F 141 -15.99 -15.53 -28.15
CA GLU F 141 -15.12 -14.33 -28.10
C GLU F 141 -15.89 -13.12 -28.62
N LEU F 142 -16.55 -13.27 -29.77
CA LEU F 142 -17.37 -12.21 -30.43
C LEU F 142 -18.41 -11.70 -29.43
N PHE F 143 -19.14 -12.64 -28.80
CA PHE F 143 -20.15 -12.37 -27.75
C PHE F 143 -19.54 -11.53 -26.62
N LEU F 144 -18.49 -12.04 -25.97
CA LEU F 144 -17.77 -11.31 -24.88
C LEU F 144 -17.43 -9.90 -25.38
N ARG F 145 -16.88 -9.79 -26.58
CA ARG F 145 -16.38 -8.53 -27.17
C ARG F 145 -17.55 -7.59 -27.46
N SER F 146 -18.70 -8.16 -27.80
CA SER F 146 -19.93 -7.40 -28.08
C SER F 146 -20.44 -6.80 -26.78
N GLU F 147 -20.45 -7.58 -25.71
CA GLU F 147 -20.87 -7.13 -24.36
C GLU F 147 -20.07 -5.88 -23.97
N LEU F 148 -18.78 -5.84 -24.30
CA LEU F 148 -17.85 -4.78 -23.84
C LEU F 148 -18.02 -3.53 -24.71
N ILE F 149 -18.40 -3.70 -25.98
CA ILE F 149 -18.80 -2.57 -26.87
C ILE F 149 -20.01 -1.88 -26.23
N ALA F 150 -20.96 -2.66 -25.71
CA ALA F 150 -22.17 -2.15 -25.06
C ALA F 150 -21.77 -1.22 -23.91
N GLU F 151 -20.90 -1.68 -23.01
CA GLU F 151 -20.49 -0.94 -21.80
C GLU F 151 -19.75 0.35 -22.20
N GLU F 152 -18.96 0.28 -23.27
CA GLU F 152 -18.19 1.47 -23.75
C GLU F 152 -19.17 2.54 -24.27
N HIS F 153 -20.21 2.11 -24.98
CA HIS F 153 -21.24 3.02 -25.56
C HIS F 153 -22.36 3.28 -24.55
N GLY F 154 -22.13 2.94 -23.28
CA GLY F 154 -22.97 3.35 -22.14
C GLY F 154 -24.37 2.77 -22.21
N PHE F 155 -24.53 1.59 -22.81
CA PHE F 155 -25.77 0.78 -22.76
C PHE F 155 -25.89 0.14 -21.37
N LYS F 156 -27.11 -0.24 -20.97
CA LYS F 156 -27.42 -0.82 -19.64
C LYS F 156 -27.94 -2.26 -19.78
N LEU F 157 -28.55 -2.61 -20.92
CA LEU F 157 -29.07 -3.98 -21.19
C LEU F 157 -28.61 -4.48 -22.56
N VAL F 158 -28.04 -5.69 -22.59
CA VAL F 158 -27.73 -6.44 -23.83
C VAL F 158 -28.75 -7.58 -23.94
N LYS F 159 -29.29 -7.79 -25.13
CA LYS F 159 -30.26 -8.88 -25.40
C LYS F 159 -29.85 -9.57 -26.70
N VAL F 160 -30.28 -10.83 -26.84
CA VAL F 160 -29.91 -11.71 -27.98
C VAL F 160 -31.08 -12.68 -28.24
N ASP F 161 -31.51 -12.74 -29.50
CA ASP F 161 -32.52 -13.71 -29.97
C ASP F 161 -31.79 -15.02 -30.25
N ALA F 162 -31.63 -15.86 -29.23
CA ALA F 162 -30.74 -17.04 -29.22
C ALA F 162 -31.50 -18.23 -29.80
N THR F 163 -31.50 -18.36 -31.13
CA THR F 163 -32.23 -19.41 -31.90
C THR F 163 -31.42 -20.72 -31.89
N SER F 164 -30.09 -20.59 -32.00
CA SER F 164 -29.08 -21.66 -31.83
C SER F 164 -28.86 -21.92 -30.34
N LEU F 165 -28.98 -23.19 -29.93
CA LEU F 165 -28.57 -23.71 -28.60
C LEU F 165 -27.08 -23.40 -28.34
N PHE F 166 -26.24 -23.37 -29.37
CA PHE F 166 -24.80 -23.02 -29.24
C PHE F 166 -24.69 -21.58 -28.74
N THR F 167 -25.47 -20.68 -29.34
CA THR F 167 -25.61 -19.25 -28.91
C THR F 167 -26.17 -19.16 -27.49
N GLN F 168 -27.03 -20.10 -27.09
CA GLN F 168 -27.59 -20.17 -25.71
C GLN F 168 -26.45 -20.49 -24.73
N ARG F 169 -25.51 -21.33 -25.13
CA ARG F 169 -24.36 -21.71 -24.26
C ARG F 169 -23.45 -20.51 -24.10
N ALA F 170 -23.01 -19.94 -25.21
CA ALA F 170 -22.17 -18.73 -25.20
C ALA F 170 -22.76 -17.76 -24.18
N ALA F 171 -24.08 -17.60 -24.21
CA ALA F 171 -24.83 -16.66 -23.36
C ALA F 171 -24.77 -17.13 -21.92
N GLU F 172 -25.09 -18.40 -21.67
CA GLU F 172 -25.06 -18.96 -20.29
C GLU F 172 -23.64 -18.87 -19.73
N CYS F 173 -22.63 -18.81 -20.61
CA CYS F 173 -21.21 -18.73 -20.21
C CYS F 173 -20.89 -17.31 -19.71
N LEU F 174 -21.43 -16.28 -20.36
CA LEU F 174 -21.21 -14.86 -19.96
C LEU F 174 -22.25 -14.44 -18.91
N GLY F 175 -23.12 -15.35 -18.47
CA GLY F 175 -24.03 -15.15 -17.32
C GLY F 175 -25.35 -14.50 -17.73
N PHE F 176 -25.72 -14.61 -19.00
CA PHE F 176 -27.02 -14.13 -19.52
C PHE F 176 -28.15 -14.93 -18.90
N ILE F 177 -29.28 -14.24 -18.71
CA ILE F 177 -30.55 -14.77 -18.13
C ILE F 177 -31.52 -15.05 -19.28
N THR F 178 -32.30 -16.14 -19.19
CA THR F 178 -33.44 -16.41 -20.10
C THR F 178 -34.63 -15.57 -19.64
N GLU F 179 -35.07 -14.63 -20.50
CA GLU F 179 -36.27 -13.77 -20.33
C GLU F 179 -37.53 -14.56 -20.71
N LYS F 180 -37.56 -15.11 -21.93
CA LYS F 180 -38.67 -15.92 -22.47
C LYS F 180 -38.08 -17.18 -23.10
N CYS F 181 -38.64 -18.34 -22.79
CA CYS F 181 -38.32 -19.62 -23.45
C CYS F 181 -39.57 -20.13 -24.18
N VAL F 182 -39.41 -20.54 -25.43
CA VAL F 182 -40.50 -20.96 -26.35
C VAL F 182 -40.02 -22.12 -27.23
N THR F 183 -40.76 -23.22 -27.21
CA THR F 183 -40.54 -24.44 -28.03
C THR F 183 -40.99 -24.17 -29.48
N TYR F 184 -40.16 -24.49 -30.47
CA TYR F 184 -40.48 -24.39 -31.92
C TYR F 184 -41.66 -25.29 -32.30
N GLY F 185 -41.77 -26.45 -31.65
CA GLY F 185 -42.80 -27.46 -31.92
C GLY F 185 -44.20 -26.94 -31.71
N ASP F 186 -44.39 -26.05 -30.72
CA ASP F 186 -45.71 -25.54 -30.25
C ASP F 186 -46.53 -24.95 -31.39
N PHE F 187 -45.91 -24.59 -32.52
CA PHE F 187 -46.55 -23.84 -33.62
C PHE F 187 -46.90 -24.76 -34.78
N LYS F 188 -48.21 -25.00 -34.92
CA LYS F 188 -48.86 -25.84 -35.96
C LYS F 188 -49.76 -24.95 -36.83
N ASP F 189 -49.80 -25.19 -38.14
CA ASP F 189 -50.61 -24.42 -39.12
C ASP F 189 -52.05 -24.94 -39.11
N GLU F 190 -52.90 -24.44 -40.01
CA GLU F 190 -54.35 -24.76 -40.16
C GLU F 190 -54.61 -26.28 -40.08
N ASN F 191 -53.71 -27.11 -40.63
CA ASN F 191 -53.82 -28.61 -40.62
C ASN F 191 -53.48 -29.15 -39.23
N GLY F 192 -52.44 -28.61 -38.58
CA GLY F 192 -51.76 -29.21 -37.42
C GLY F 192 -50.34 -29.66 -37.78
N ARG F 193 -49.83 -29.24 -38.94
CA ARG F 193 -48.44 -29.48 -39.42
C ARG F 193 -47.51 -28.49 -38.72
N LYS F 194 -46.45 -29.01 -38.07
CA LYS F 194 -45.41 -28.23 -37.37
C LYS F 194 -44.83 -27.20 -38.35
N ILE F 195 -44.85 -25.91 -37.98
CA ILE F 195 -44.45 -24.76 -38.85
C ILE F 195 -42.93 -24.60 -38.79
N TYR F 196 -42.38 -24.78 -37.60
CA TYR F 196 -40.92 -24.80 -37.33
C TYR F 196 -40.52 -26.24 -37.05
N ASP F 197 -40.33 -26.98 -38.14
CA ASP F 197 -39.75 -28.35 -38.10
C ASP F 197 -38.23 -28.18 -37.97
N THR F 198 -37.78 -27.84 -36.76
CA THR F 198 -36.35 -27.66 -36.41
C THR F 198 -35.71 -29.02 -36.15
N LYS F 199 -34.50 -29.25 -36.67
CA LYS F 199 -33.72 -30.48 -36.40
C LYS F 199 -32.97 -30.29 -35.08
N SER F 200 -33.06 -31.27 -34.18
CA SER F 200 -32.34 -31.29 -32.87
C SER F 200 -30.88 -30.96 -33.11
N PRO F 201 -30.15 -30.37 -32.13
CA PRO F 201 -30.65 -30.16 -30.77
C PRO F 201 -31.32 -28.81 -30.44
N HIS F 202 -31.84 -28.11 -31.47
CA HIS F 202 -32.44 -26.75 -31.34
C HIS F 202 -33.95 -26.88 -31.15
N ASP F 203 -34.37 -27.32 -29.96
CA ASP F 203 -35.78 -27.67 -29.65
C ASP F 203 -36.53 -26.43 -29.16
N TYR F 204 -35.83 -25.31 -28.95
CA TYR F 204 -36.45 -24.06 -28.45
C TYR F 204 -35.57 -22.83 -28.71
N TYR F 205 -36.22 -21.67 -28.65
CA TYR F 205 -35.65 -20.32 -28.87
C TYR F 205 -35.75 -19.54 -27.56
N LYS F 206 -34.62 -19.02 -27.09
CA LYS F 206 -34.56 -18.20 -25.86
C LYS F 206 -34.19 -16.78 -26.23
N VAL F 207 -34.99 -15.81 -25.76
CA VAL F 207 -34.55 -14.40 -25.60
C VAL F 207 -33.74 -14.38 -24.31
N MET F 208 -32.54 -13.82 -24.37
CA MET F 208 -31.57 -13.82 -23.24
C MET F 208 -30.96 -12.43 -23.11
N THR F 209 -30.56 -12.11 -21.90
CA THR F 209 -30.41 -10.74 -21.39
C THR F 209 -29.24 -10.70 -20.41
N LYS F 210 -28.52 -9.59 -20.36
CA LYS F 210 -27.58 -9.29 -19.26
C LYS F 210 -27.57 -7.79 -19.05
N VAL F 211 -27.45 -7.38 -17.79
CA VAL F 211 -27.41 -5.96 -17.35
C VAL F 211 -25.92 -5.59 -17.17
N VAL F 212 -25.50 -4.43 -17.67
CA VAL F 212 -24.06 -4.06 -17.86
C VAL F 212 -23.76 -2.70 -17.20
N SER F 213 -22.65 -2.02 -17.57
CA SER F 213 -22.09 -0.83 -16.87
C SER F 213 -21.96 0.40 -17.80
#